data_7S2H
#
_entry.id   7S2H
#
_cell.length_a   67.304
_cell.length_b   78.920
_cell.length_c   76.847
_cell.angle_alpha   90.000
_cell.angle_beta   101.300
_cell.angle_gamma   90.000
#
_symmetry.space_group_name_H-M   'P 1 21 1'
#
loop_
_entity.id
_entity.type
_entity.pdbx_description
1 polymer 'Glucokinase 1, putative'
2 non-polymer 'CITRATE ANION'
3 non-polymer 'SODIUM ION'
4 non-polymer 'SULFATE ION'
5 water water
#
_entity_poly.entity_id   1
_entity_poly.type   'polypeptide(L)'
_entity_poly.pdbx_seq_one_letter_code
;MGRGSHHHHHHGMAMNIKELSLHELCEELKTPAWNVPLTFVGDVGGTSARMGFVREGKNDSVHACVTRYSMKRKDITELI
EFFNEIIELMPASVIKRVKAGVINVPGPVTGGAVGGPFNNLKGIARLSDYPKALFPPGRSAILNDLEAGGFGVLAVSDAH
VFSEYFGVMWEGTQWRTCEQEPAGSVIGRGRCLVLAPGTGLGSSLIYYNPMNQQHIVVPLELGSQTIPMRKDIDYIQTLH
AELKLLPNYENMVSGAGLEFHYRQVVRGSRPPCSAGEIAKLASEGDANACKAMKKYHEYLMRVGSEASMALLPLTIVLVG
DNIVNNAFFYRNPQNLKEMHREALNHEMERFGFQSRVTYLRQKKLLNLNLMGCYRCGLDLS
;
_entity_poly.pdbx_strand_id   A,B
#
loop_
_chem_comp.id
_chem_comp.type
_chem_comp.name
_chem_comp.formula
FLC non-polymer 'CITRATE ANION' 'C6 H5 O7 -3'
NA non-polymer 'SODIUM ION' 'Na 1'
SO4 non-polymer 'SULFATE ION' 'O4 S -2'
#
# COMPACT_ATOMS: atom_id res chain seq x y z
N MET A 13 -26.20 23.48 -1.73
CA MET A 13 -25.06 22.76 -1.09
C MET A 13 -24.81 21.44 -1.87
N ALA A 14 -23.55 21.08 -2.01
CA ALA A 14 -23.12 19.91 -2.79
C ALA A 14 -23.34 18.64 -1.98
N MET A 15 -23.11 18.69 -0.66
CA MET A 15 -23.19 17.52 0.24
C MET A 15 -24.31 17.82 1.24
N ASN A 16 -25.35 17.00 1.20
CA ASN A 16 -26.58 17.21 2.00
C ASN A 16 -26.88 15.91 2.74
N ILE A 17 -27.03 15.98 4.06
CA ILE A 17 -27.45 14.84 4.91
C ILE A 17 -28.59 15.34 5.79
N LYS A 18 -29.79 14.79 5.64
CA LYS A 18 -30.99 15.13 6.48
C LYS A 18 -31.25 13.95 7.42
N GLU A 19 -31.32 14.17 8.72
CA GLU A 19 -31.64 13.11 9.72
C GLU A 19 -33.13 13.24 10.09
N LEU A 20 -33.90 12.18 9.95
CA LEU A 20 -35.37 12.16 10.18
C LEU A 20 -35.70 10.95 11.05
N SER A 21 -36.90 10.92 11.60
CA SER A 21 -37.49 9.69 12.16
C SER A 21 -37.69 8.70 11.02
N LEU A 22 -37.84 7.42 11.33
CA LEU A 22 -38.06 6.39 10.28
C LEU A 22 -39.33 6.74 9.51
N HIS A 23 -40.37 7.13 10.26
CA HIS A 23 -41.68 7.49 9.66
C HIS A 23 -41.53 8.70 8.73
N GLU A 24 -40.77 9.72 9.14
CA GLU A 24 -40.53 10.92 8.30
C GLU A 24 -39.69 10.55 7.07
N LEU A 25 -38.70 9.67 7.26
CA LEU A 25 -37.80 9.23 6.14
C LEU A 25 -38.66 8.56 5.07
N CYS A 26 -39.59 7.68 5.48
CA CYS A 26 -40.56 7.05 4.57
C CYS A 26 -41.35 8.12 3.80
N GLU A 27 -41.83 9.19 4.46
CA GLU A 27 -42.62 10.25 3.74
C GLU A 27 -41.70 10.97 2.72
N GLU A 28 -40.47 11.27 3.13
CA GLU A 28 -39.48 11.98 2.26
C GLU A 28 -39.22 11.13 1.02
N LEU A 29 -39.06 9.80 1.12
CA LEU A 29 -38.70 8.91 -0.02
C LEU A 29 -39.87 8.80 -1.01
N LYS A 30 -41.08 9.19 -0.64
CA LYS A 30 -42.19 9.17 -1.63
C LYS A 30 -42.28 10.50 -2.39
N THR A 31 -41.49 11.52 -2.04
CA THR A 31 -41.50 12.82 -2.76
C THR A 31 -40.84 12.70 -4.15
N PRO A 32 -41.28 13.55 -5.10
CA PRO A 32 -40.79 13.47 -6.48
C PRO A 32 -39.28 13.53 -6.64
N ALA A 33 -38.57 14.32 -5.84
CA ALA A 33 -37.09 14.42 -5.95
C ALA A 33 -36.43 13.07 -5.67
N TRP A 34 -37.08 12.19 -4.89
CA TRP A 34 -36.55 10.85 -4.50
C TRP A 34 -36.99 9.74 -5.45
N ASN A 35 -37.74 10.05 -6.52
CA ASN A 35 -38.24 9.04 -7.48
C ASN A 35 -37.13 8.84 -8.55
N VAL A 36 -35.99 8.37 -8.08
CA VAL A 36 -34.73 8.22 -8.86
C VAL A 36 -34.01 7.01 -8.27
N PRO A 37 -32.92 6.55 -8.91
CA PRO A 37 -32.12 5.47 -8.31
C PRO A 37 -31.59 5.81 -6.90
N LEU A 38 -31.57 4.83 -6.02
CA LEU A 38 -31.14 4.99 -4.60
C LEU A 38 -29.93 4.11 -4.30
N THR A 39 -29.09 4.55 -3.36
CA THR A 39 -28.12 3.70 -2.67
C THR A 39 -28.56 3.61 -1.20
N PHE A 40 -28.53 2.41 -0.64
CA PHE A 40 -28.79 2.18 0.80
C PHE A 40 -27.42 2.33 1.48
N VAL A 41 -27.32 3.15 2.54
CA VAL A 41 -26.05 3.39 3.27
C VAL A 41 -26.29 3.22 4.77
N GLY A 42 -25.24 2.84 5.46
CA GLY A 42 -25.31 2.75 6.92
C GLY A 42 -23.97 3.03 7.55
N ASP A 43 -23.95 3.92 8.54
CA ASP A 43 -22.73 4.29 9.28
C ASP A 43 -22.94 3.74 10.67
N VAL A 44 -22.27 2.66 11.01
CA VAL A 44 -22.52 1.91 12.25
C VAL A 44 -21.41 2.25 13.24
N GLY A 45 -21.77 2.75 14.41
CA GLY A 45 -20.78 2.89 15.48
C GLY A 45 -21.09 2.04 16.71
N GLY A 46 -20.37 2.29 17.79
CA GLY A 46 -20.52 1.52 19.06
C GLY A 46 -21.86 1.74 19.74
N THR A 47 -22.48 2.91 19.58
CA THR A 47 -23.67 3.31 20.36
C THR A 47 -24.88 3.48 19.45
N SER A 48 -24.64 3.93 18.22
CA SER A 48 -25.74 4.20 17.27
C SER A 48 -25.27 3.96 15.85
N ALA A 49 -26.26 3.84 14.98
CA ALA A 49 -26.07 3.70 13.52
C ALA A 49 -26.96 4.71 12.84
N ARG A 50 -26.54 5.22 11.68
N ARG A 50 -26.54 5.21 11.68
CA ARG A 50 -27.35 6.18 10.88
CA ARG A 50 -27.34 6.18 10.88
C ARG A 50 -27.50 5.63 9.47
C ARG A 50 -27.51 5.63 9.46
N MET A 51 -28.71 5.15 9.14
CA MET A 51 -28.94 4.39 7.88
C MET A 51 -30.01 5.05 7.05
N GLY A 52 -29.91 4.90 5.73
CA GLY A 52 -30.91 5.49 4.86
C GLY A 52 -30.44 5.44 3.44
N PHE A 53 -30.86 6.44 2.69
CA PHE A 53 -30.79 6.40 1.23
C PHE A 53 -30.06 7.65 0.75
N VAL A 54 -29.32 7.46 -0.37
CA VAL A 54 -28.57 8.54 -1.02
C VAL A 54 -28.95 8.59 -2.48
N ARG A 55 -29.09 9.77 -2.98
CA ARG A 55 -29.36 9.98 -4.42
C ARG A 55 -28.41 11.07 -4.95
N GLU A 56 -28.28 11.14 -6.26
CA GLU A 56 -27.55 12.23 -6.95
C GLU A 56 -28.55 13.39 -7.07
N GLY A 57 -28.09 14.64 -7.01
CA GLY A 57 -28.87 15.84 -7.41
C GLY A 57 -28.16 16.56 -8.55
N LYS A 58 -28.48 17.84 -8.76
CA LYS A 58 -27.89 18.71 -9.82
C LYS A 58 -26.38 18.87 -9.62
N ASN A 59 -25.59 18.99 -10.71
CA ASN A 59 -24.11 19.23 -10.71
C ASN A 59 -23.40 18.31 -9.71
N ASP A 60 -23.69 17.02 -9.80
CA ASP A 60 -22.98 15.93 -9.09
C ASP A 60 -23.11 16.14 -7.57
N SER A 61 -24.18 16.82 -7.15
CA SER A 61 -24.52 16.96 -5.71
C SER A 61 -24.95 15.59 -5.16
N VAL A 62 -24.85 15.43 -3.84
CA VAL A 62 -25.15 14.18 -3.12
C VAL A 62 -26.18 14.51 -2.03
N HIS A 63 -27.26 13.75 -2.01
CA HIS A 63 -28.39 14.00 -1.08
C HIS A 63 -28.71 12.73 -0.31
N ALA A 64 -28.55 12.77 1.01
CA ALA A 64 -28.75 11.59 1.85
C ALA A 64 -29.90 11.92 2.80
N CYS A 65 -30.71 10.93 3.06
CA CYS A 65 -31.79 11.04 4.09
C CYS A 65 -31.64 9.80 4.98
N VAL A 66 -31.37 9.98 6.27
CA VAL A 66 -30.99 8.85 7.13
C VAL A 66 -31.76 8.97 8.43
N THR A 67 -31.81 7.85 9.13
CA THR A 67 -32.45 7.75 10.48
C THR A 67 -31.45 7.11 11.45
N ARG A 68 -31.58 7.43 12.73
CA ARG A 68 -30.66 6.94 13.76
C ARG A 68 -31.31 5.74 14.42
N TYR A 69 -30.50 4.74 14.70
CA TYR A 69 -30.89 3.52 15.44
C TYR A 69 -29.96 3.45 16.66
N SER A 70 -30.49 3.07 17.83
CA SER A 70 -29.61 2.79 18.98
C SER A 70 -29.15 1.34 18.91
N MET A 71 -27.87 1.10 19.13
CA MET A 71 -27.35 -0.28 19.16
C MET A 71 -27.62 -0.80 20.58
N LYS A 72 -28.90 -0.95 20.93
CA LYS A 72 -29.35 -1.14 22.34
C LYS A 72 -28.63 -2.38 22.88
N ARG A 73 -28.73 -3.49 22.15
CA ARG A 73 -28.18 -4.81 22.55
C ARG A 73 -26.65 -4.84 22.43
N LYS A 74 -25.96 -3.79 21.99
CA LYS A 74 -24.48 -3.83 21.88
C LYS A 74 -24.11 -5.09 21.06
N ASP A 75 -24.88 -5.40 20.01
CA ASP A 75 -24.80 -6.60 19.17
C ASP A 75 -24.93 -6.20 17.69
N ILE A 76 -23.89 -6.46 16.89
CA ILE A 76 -23.87 -6.05 15.46
C ILE A 76 -25.00 -6.77 14.72
N THR A 77 -25.45 -7.94 15.17
CA THR A 77 -26.50 -8.72 14.47
C THR A 77 -27.83 -7.95 14.56
N GLU A 78 -27.94 -6.97 15.47
CA GLU A 78 -29.22 -6.22 15.58
C GLU A 78 -29.45 -5.41 14.29
N LEU A 79 -28.40 -5.12 13.53
CA LEU A 79 -28.60 -4.37 12.25
C LEU A 79 -29.62 -5.11 11.40
N ILE A 80 -29.63 -6.48 11.41
CA ILE A 80 -30.58 -7.22 10.52
C ILE A 80 -32.03 -6.84 10.90
N GLU A 81 -32.31 -6.64 12.19
CA GLU A 81 -33.68 -6.26 12.60
C GLU A 81 -34.00 -4.89 12.01
N PHE A 82 -33.06 -3.95 12.06
CA PHE A 82 -33.25 -2.60 11.52
C PHE A 82 -33.52 -2.71 10.02
N PHE A 83 -32.70 -3.48 9.29
CA PHE A 83 -32.89 -3.63 7.83
C PHE A 83 -34.27 -4.21 7.51
N ASN A 84 -34.70 -5.21 8.28
CA ASN A 84 -36.03 -5.87 8.09
C ASN A 84 -37.16 -4.85 8.35
N GLU A 85 -36.97 -3.95 9.32
CA GLU A 85 -38.00 -2.96 9.63
C GLU A 85 -38.16 -1.99 8.47
N ILE A 86 -37.05 -1.54 7.91
CA ILE A 86 -37.06 -0.62 6.74
C ILE A 86 -37.80 -1.29 5.57
N ILE A 87 -37.49 -2.54 5.26
CA ILE A 87 -38.14 -3.22 4.12
C ILE A 87 -39.64 -3.42 4.43
N GLU A 88 -39.99 -3.73 5.66
CA GLU A 88 -41.42 -3.96 6.01
C GLU A 88 -42.19 -2.67 5.84
N LEU A 89 -41.62 -1.50 6.18
CA LEU A 89 -42.39 -0.24 6.26
C LEU A 89 -42.40 0.43 4.88
N MET A 90 -41.31 0.35 4.13
CA MET A 90 -41.23 1.14 2.86
C MET A 90 -42.01 0.43 1.76
N PRO A 91 -42.73 1.13 0.85
CA PRO A 91 -43.35 0.46 -0.29
C PRO A 91 -42.33 -0.29 -1.16
N ALA A 92 -42.68 -1.49 -1.64
CA ALA A 92 -41.74 -2.30 -2.42
C ALA A 92 -41.30 -1.48 -3.64
N SER A 93 -42.17 -0.65 -4.20
CA SER A 93 -41.87 0.16 -5.42
C SER A 93 -40.80 1.24 -5.13
N VAL A 94 -40.65 1.70 -3.89
CA VAL A 94 -39.50 2.57 -3.49
C VAL A 94 -38.21 1.75 -3.36
N ILE A 95 -38.26 0.64 -2.61
CA ILE A 95 -37.07 -0.21 -2.35
C ILE A 95 -36.60 -0.79 -3.69
N LYS A 96 -37.47 -1.04 -4.65
CA LYS A 96 -37.08 -1.51 -6.01
C LYS A 96 -36.03 -0.58 -6.65
N ARG A 97 -35.99 0.70 -6.32
CA ARG A 97 -35.05 1.64 -6.98
C ARG A 97 -33.62 1.54 -6.41
N VAL A 98 -33.42 0.75 -5.34
CA VAL A 98 -32.08 0.57 -4.71
C VAL A 98 -31.17 -0.16 -5.68
N LYS A 99 -30.03 0.40 -5.99
CA LYS A 99 -29.09 -0.22 -6.98
C LYS A 99 -27.82 -0.68 -6.26
N ALA A 100 -27.64 -0.37 -4.98
CA ALA A 100 -26.43 -0.71 -4.23
C ALA A 100 -26.68 -0.51 -2.74
N GLY A 101 -26.00 -1.28 -1.91
CA GLY A 101 -26.12 -1.24 -0.43
C GLY A 101 -24.77 -1.34 0.21
N VAL A 102 -24.33 -0.31 0.90
CA VAL A 102 -22.98 -0.30 1.53
C VAL A 102 -23.11 0.22 2.96
N ILE A 103 -22.51 -0.52 3.88
CA ILE A 103 -22.38 -0.02 5.26
C ILE A 103 -20.91 0.01 5.65
N ASN A 104 -20.58 0.86 6.63
CA ASN A 104 -19.28 0.77 7.35
C ASN A 104 -19.52 0.37 8.80
N VAL A 105 -18.55 -0.33 9.36
CA VAL A 105 -18.60 -0.98 10.72
C VAL A 105 -17.26 -0.72 11.42
N PRO A 106 -17.28 -0.61 12.76
CA PRO A 106 -16.12 -0.13 13.48
C PRO A 106 -15.12 -1.25 13.75
N GLY A 107 -14.65 -1.92 12.72
CA GLY A 107 -13.71 -3.04 12.92
C GLY A 107 -13.26 -3.61 11.59
N PRO A 108 -12.46 -4.69 11.61
CA PRO A 108 -11.91 -5.25 10.39
C PRO A 108 -12.98 -5.96 9.57
N VAL A 109 -12.83 -5.94 8.25
CA VAL A 109 -13.75 -6.62 7.31
C VAL A 109 -12.92 -7.49 6.38
N THR A 110 -13.41 -8.66 6.00
CA THR A 110 -12.77 -9.48 4.97
C THR A 110 -13.77 -9.78 3.87
N GLY A 111 -13.24 -9.90 2.66
CA GLY A 111 -14.04 -10.19 1.46
C GLY A 111 -15.09 -9.12 1.19
N GLY A 112 -14.95 -7.91 1.75
CA GLY A 112 -16.02 -6.87 1.75
C GLY A 112 -17.33 -7.42 2.27
N ALA A 113 -17.33 -8.51 3.09
CA ALA A 113 -18.58 -9.24 3.38
C ALA A 113 -18.67 -9.73 4.84
N VAL A 114 -17.58 -9.74 5.59
CA VAL A 114 -17.58 -10.36 6.95
C VAL A 114 -16.85 -9.41 7.89
N GLY A 115 -17.60 -8.70 8.74
CA GLY A 115 -17.01 -7.65 9.61
C GLY A 115 -16.93 -8.13 11.07
N GLY A 116 -15.78 -7.94 11.69
CA GLY A 116 -15.57 -8.20 13.12
C GLY A 116 -14.39 -9.13 13.33
N PRO A 117 -14.11 -9.53 14.59
CA PRO A 117 -14.90 -9.08 15.74
C PRO A 117 -14.60 -7.62 16.07
N PHE A 118 -15.45 -7.04 16.92
CA PHE A 118 -15.47 -5.62 17.32
C PHE A 118 -15.10 -5.53 18.80
N ASN A 119 -14.49 -4.40 19.20
CA ASN A 119 -14.09 -4.11 20.60
C ASN A 119 -15.31 -3.96 21.49
N ASN A 120 -16.37 -3.30 21.02
CA ASN A 120 -17.47 -2.79 21.89
C ASN A 120 -18.83 -3.32 21.42
N LEU A 121 -18.87 -4.25 20.46
CA LEU A 121 -20.11 -4.96 20.02
C LEU A 121 -19.85 -6.46 19.96
N LYS A 122 -20.86 -7.25 20.27
CA LYS A 122 -20.83 -8.73 20.13
C LYS A 122 -21.15 -9.06 18.66
N GLY A 123 -20.63 -10.18 18.20
CA GLY A 123 -21.07 -10.86 16.97
C GLY A 123 -20.28 -10.41 15.75
N ILE A 124 -20.67 -10.92 14.60
CA ILE A 124 -19.98 -10.77 13.29
C ILE A 124 -21.03 -10.18 12.34
N ALA A 125 -20.63 -9.20 11.52
CA ALA A 125 -21.50 -8.57 10.50
C ALA A 125 -21.38 -9.43 9.24
N ARG A 126 -22.46 -10.05 8.80
CA ARG A 126 -22.39 -10.97 7.64
C ARG A 126 -23.29 -10.49 6.53
N LEU A 127 -22.69 -10.06 5.46
CA LEU A 127 -23.45 -9.48 4.34
C LEU A 127 -24.43 -10.52 3.80
N SER A 128 -24.02 -11.80 3.76
CA SER A 128 -24.87 -12.88 3.20
C SER A 128 -26.13 -13.06 4.07
N ASP A 129 -26.16 -12.53 5.31
CA ASP A 129 -27.36 -12.53 6.20
C ASP A 129 -28.27 -11.31 6.00
N TYR A 130 -27.91 -10.36 5.12
CA TYR A 130 -28.65 -9.11 4.97
C TYR A 130 -29.68 -9.24 3.87
N PRO A 131 -30.80 -8.50 3.96
CA PRO A 131 -31.85 -8.65 2.97
C PRO A 131 -31.45 -8.08 1.60
N LYS A 132 -31.74 -8.83 0.56
CA LYS A 132 -31.25 -8.53 -0.82
C LYS A 132 -31.94 -7.28 -1.37
N ALA A 133 -33.10 -6.86 -0.82
CA ALA A 133 -33.80 -5.66 -1.31
C ALA A 133 -33.00 -4.39 -0.98
N LEU A 134 -32.25 -4.38 0.11
CA LEU A 134 -31.39 -3.24 0.52
C LEU A 134 -29.93 -3.52 0.11
N PHE A 135 -29.57 -4.76 -0.09
CA PHE A 135 -28.18 -5.16 -0.39
C PHE A 135 -28.22 -6.05 -1.62
N PRO A 136 -28.39 -5.46 -2.79
CA PRO A 136 -28.56 -6.29 -3.99
C PRO A 136 -27.31 -7.14 -4.22
N PRO A 137 -27.48 -8.40 -4.67
CA PRO A 137 -26.39 -9.36 -4.72
C PRO A 137 -25.30 -8.87 -5.66
N GLY A 138 -24.04 -8.83 -5.20
CA GLY A 138 -22.93 -8.42 -6.08
C GLY A 138 -22.82 -6.90 -6.22
N ARG A 139 -23.76 -6.11 -5.68
CA ARG A 139 -23.71 -4.62 -5.65
C ARG A 139 -23.78 -4.12 -4.18
N SER A 140 -23.15 -4.88 -3.29
CA SER A 140 -23.21 -4.60 -1.83
C SER A 140 -21.87 -4.82 -1.21
N ALA A 141 -21.62 -4.12 -0.12
CA ALA A 141 -20.32 -4.25 0.56
C ALA A 141 -20.44 -3.78 2.00
N ILE A 142 -19.61 -4.38 2.84
CA ILE A 142 -19.30 -3.87 4.19
C ILE A 142 -17.90 -3.32 4.16
N LEU A 143 -17.71 -2.13 4.71
CA LEU A 143 -16.44 -1.38 4.73
C LEU A 143 -16.01 -1.18 6.16
N ASN A 144 -14.70 -1.23 6.38
CA ASN A 144 -14.11 -0.66 7.61
C ASN A 144 -14.33 0.86 7.66
N ASP A 145 -14.59 1.45 8.84
CA ASP A 145 -14.61 2.93 9.08
C ASP A 145 -13.64 3.72 8.17
N LEU A 146 -12.33 3.46 8.26
CA LEU A 146 -11.35 4.26 7.48
C LEU A 146 -11.47 4.03 5.97
N GLU A 147 -11.84 2.83 5.53
CA GLU A 147 -12.07 2.62 4.07
C GLU A 147 -13.22 3.52 3.63
N ALA A 148 -14.29 3.53 4.42
CA ALA A 148 -15.47 4.39 4.07
C ALA A 148 -15.00 5.85 4.10
N GLY A 149 -14.20 6.24 5.10
CA GLY A 149 -13.76 7.67 5.19
C GLY A 149 -12.94 8.05 3.96
N GLY A 150 -12.10 7.14 3.45
CA GLY A 150 -11.31 7.40 2.25
C GLY A 150 -12.23 7.57 1.04
N PHE A 151 -13.21 6.71 0.87
CA PHE A 151 -14.19 6.87 -0.24
C PHE A 151 -14.94 8.20 -0.06
N GLY A 152 -15.14 8.64 1.17
CA GLY A 152 -15.82 9.94 1.47
C GLY A 152 -14.98 11.13 0.97
N VAL A 153 -13.65 11.02 1.06
CA VAL A 153 -12.74 12.06 0.56
C VAL A 153 -12.93 12.12 -0.96
N LEU A 154 -12.96 10.97 -1.62
CA LEU A 154 -13.20 10.90 -3.08
C LEU A 154 -14.55 11.50 -3.39
N ALA A 155 -15.58 11.21 -2.60
CA ALA A 155 -16.95 11.74 -2.88
C ALA A 155 -16.93 13.27 -2.86
N VAL A 156 -16.27 13.87 -1.87
CA VAL A 156 -16.17 15.35 -1.77
C VAL A 156 -15.50 15.88 -3.04
N SER A 157 -14.39 15.28 -3.46
CA SER A 157 -13.72 15.69 -4.72
C SER A 157 -14.65 15.58 -5.94
N ASP A 158 -15.35 14.47 -6.10
CA ASP A 158 -16.27 14.21 -7.24
C ASP A 158 -17.41 15.24 -7.24
N ALA A 159 -17.80 15.74 -6.08
CA ALA A 159 -18.94 16.70 -5.97
C ALA A 159 -18.44 18.15 -6.18
N HIS A 160 -17.15 18.32 -6.50
CA HIS A 160 -16.51 19.58 -6.91
C HIS A 160 -16.30 20.49 -5.71
N VAL A 161 -16.30 19.99 -4.48
CA VAL A 161 -16.27 20.92 -3.31
C VAL A 161 -15.13 20.53 -2.37
N PHE A 162 -14.06 19.97 -2.91
CA PHE A 162 -12.85 19.75 -2.09
C PHE A 162 -12.41 21.02 -1.35
N SER A 163 -12.47 22.18 -1.99
CA SER A 163 -11.92 23.42 -1.38
C SER A 163 -12.89 23.95 -0.30
N GLU A 164 -14.10 23.42 -0.25
CA GLU A 164 -15.06 23.75 0.82
C GLU A 164 -14.75 22.92 2.08
N TYR A 165 -14.24 21.68 1.96
CA TYR A 165 -14.12 20.79 3.15
C TYR A 165 -12.67 20.62 3.57
N PHE A 166 -11.71 20.88 2.69
CA PHE A 166 -10.26 20.67 2.95
C PHE A 166 -9.48 21.97 2.70
N GLY A 167 -8.56 22.32 3.61
CA GLY A 167 -7.62 23.44 3.42
C GLY A 167 -6.22 22.92 3.11
N VAL A 168 -5.50 23.58 2.21
CA VAL A 168 -4.08 23.28 1.93
C VAL A 168 -3.23 23.76 3.12
N MET A 169 -2.45 22.88 3.68
CA MET A 169 -1.45 23.24 4.70
C MET A 169 -0.17 23.69 3.99
N TRP A 170 0.28 22.94 3.00
CA TRP A 170 1.34 23.38 2.06
C TRP A 170 1.24 22.54 0.80
N GLU A 171 1.56 23.16 -0.33
CA GLU A 171 1.57 22.50 -1.64
C GLU A 171 2.94 21.86 -1.83
N GLY A 172 2.97 20.58 -2.16
CA GLY A 172 4.23 19.88 -2.39
C GLY A 172 4.70 20.08 -3.82
N THR A 173 5.93 19.66 -4.08
CA THR A 173 6.61 20.02 -5.33
C THR A 173 5.99 19.26 -6.51
N GLN A 174 5.26 18.18 -6.30
CA GLN A 174 4.83 17.26 -7.39
C GLN A 174 3.51 17.77 -7.95
N TRP A 175 2.73 18.51 -7.15
CA TRP A 175 1.33 18.83 -7.49
C TRP A 175 1.22 19.40 -8.91
N ARG A 176 1.94 20.48 -9.16
CA ARG A 176 1.81 21.23 -10.44
C ARG A 176 2.32 20.39 -11.63
N THR A 177 3.18 19.40 -11.40
CA THR A 177 3.61 18.54 -12.53
C THR A 177 2.50 17.53 -12.86
N CYS A 178 1.86 16.98 -11.83
CA CYS A 178 0.91 15.86 -11.96
C CYS A 178 -0.49 16.41 -12.27
N GLU A 179 -0.83 17.62 -11.87
CA GLU A 179 -2.22 18.14 -11.95
C GLU A 179 -2.29 19.49 -12.63
N GLN A 180 -3.42 19.80 -13.23
CA GLN A 180 -3.70 21.10 -13.87
C GLN A 180 -4.42 22.04 -12.89
N GLU A 181 -5.26 21.52 -12.01
CA GLU A 181 -6.09 22.41 -11.18
C GLU A 181 -5.32 22.86 -9.95
N PRO A 182 -5.75 23.94 -9.28
CA PRO A 182 -5.08 24.40 -8.08
C PRO A 182 -5.09 23.35 -6.96
N ALA A 183 -4.03 23.34 -6.17
CA ALA A 183 -3.88 22.43 -5.03
C ALA A 183 -5.09 22.62 -4.14
N GLY A 184 -5.66 21.53 -3.64
CA GLY A 184 -6.79 21.62 -2.68
C GLY A 184 -8.13 21.74 -3.40
N SER A 185 -8.19 21.83 -4.74
CA SER A 185 -9.49 22.00 -5.45
C SER A 185 -10.09 20.66 -5.83
N VAL A 186 -9.28 19.60 -5.86
CA VAL A 186 -9.65 18.22 -6.25
C VAL A 186 -8.71 17.31 -5.49
N ILE A 187 -9.01 16.02 -5.47
CA ILE A 187 -8.16 15.07 -4.70
C ILE A 187 -6.86 14.84 -5.50
N GLY A 188 -6.92 14.85 -6.82
CA GLY A 188 -5.77 14.57 -7.70
C GLY A 188 -5.66 13.12 -8.10
N ARG A 189 -5.10 12.89 -9.29
CA ARG A 189 -4.84 11.57 -9.92
C ARG A 189 -3.45 11.10 -9.46
N GLY A 190 -3.33 10.89 -8.16
CA GLY A 190 -2.13 10.35 -7.51
C GLY A 190 -2.58 9.82 -6.19
N ARG A 191 -1.73 9.05 -5.55
CA ARG A 191 -2.07 8.38 -4.31
C ARG A 191 -2.35 9.44 -3.23
N CYS A 192 -3.38 9.24 -2.43
CA CYS A 192 -3.80 10.13 -1.35
C CYS A 192 -3.83 9.34 -0.05
N LEU A 193 -2.92 9.64 0.88
CA LEU A 193 -2.90 9.00 2.19
C LEU A 193 -3.80 9.75 3.14
N VAL A 194 -4.81 9.06 3.65
CA VAL A 194 -5.82 9.66 4.56
C VAL A 194 -5.40 9.27 5.96
N LEU A 195 -5.11 10.26 6.82
CA LEU A 195 -4.83 9.99 8.25
C LEU A 195 -5.96 10.57 9.09
N ALA A 196 -6.37 9.86 10.13
CA ALA A 196 -7.46 10.31 11.01
C ALA A 196 -6.93 10.34 12.45
N PRO A 197 -6.20 11.40 12.85
CA PRO A 197 -5.65 11.47 14.19
C PRO A 197 -6.78 11.98 15.08
N GLY A 198 -7.18 11.15 16.04
CA GLY A 198 -8.31 11.45 16.94
C GLY A 198 -8.02 10.89 18.31
N THR A 199 -8.91 10.04 18.82
CA THR A 199 -8.55 9.29 20.07
C THR A 199 -7.34 8.41 19.76
N GLY A 200 -7.38 7.74 18.61
CA GLY A 200 -6.28 6.93 18.06
C GLY A 200 -5.76 7.59 16.79
N LEU A 201 -5.60 6.80 15.68
CA LEU A 201 -4.84 7.21 14.46
C LEU A 201 -5.17 6.25 13.31
N GLY A 202 -6.18 6.55 12.55
CA GLY A 202 -6.62 5.68 11.44
C GLY A 202 -5.83 6.05 10.19
N SER A 203 -5.72 5.11 9.24
CA SER A 203 -4.98 5.38 7.98
C SER A 203 -5.59 4.60 6.84
N SER A 204 -5.63 5.18 5.65
CA SER A 204 -6.02 4.42 4.47
C SER A 204 -5.32 5.12 3.28
N LEU A 205 -5.01 4.38 2.24
CA LEU A 205 -4.38 4.91 1.03
C LEU A 205 -5.38 4.85 -0.13
N ILE A 206 -5.68 5.98 -0.74
CA ILE A 206 -6.56 6.06 -1.92
C ILE A 206 -5.61 5.93 -3.12
N TYR A 207 -5.66 4.82 -3.84
CA TYR A 207 -4.84 4.57 -5.05
C TYR A 207 -5.65 4.85 -6.33
N TYR A 208 -5.10 5.44 -7.41
CA TYR A 208 -5.79 5.53 -8.74
C TYR A 208 -5.14 4.46 -9.63
N ASN A 209 -5.95 3.51 -10.10
CA ASN A 209 -5.46 2.44 -11.02
C ASN A 209 -5.68 2.91 -12.46
N PRO A 210 -4.61 3.48 -13.11
CA PRO A 210 -4.63 3.82 -14.54
C PRO A 210 -5.26 2.75 -15.46
N MET A 211 -5.02 1.48 -15.20
CA MET A 211 -5.44 0.40 -16.16
C MET A 211 -6.97 0.28 -16.18
N ASN A 212 -7.59 0.63 -15.05
CA ASN A 212 -9.04 0.42 -14.78
C ASN A 212 -9.78 1.76 -14.81
N GLN A 213 -9.04 2.87 -14.87
CA GLN A 213 -9.61 4.21 -14.58
C GLN A 213 -10.45 4.13 -13.29
N GLN A 214 -10.05 3.33 -12.30
CA GLN A 214 -10.73 3.17 -11.00
C GLN A 214 -9.82 3.75 -9.89
N HIS A 215 -10.42 4.42 -8.91
CA HIS A 215 -9.76 4.73 -7.62
C HIS A 215 -10.07 3.56 -6.70
N ILE A 216 -9.17 3.15 -5.81
CA ILE A 216 -9.58 2.15 -4.80
C ILE A 216 -9.01 2.64 -3.48
N VAL A 217 -9.59 2.15 -2.42
CA VAL A 217 -9.15 2.57 -1.07
C VAL A 217 -8.57 1.35 -0.37
N VAL A 218 -7.35 1.49 0.14
CA VAL A 218 -6.60 0.41 0.80
C VAL A 218 -6.52 0.76 2.27
N PRO A 219 -7.25 0.06 3.15
CA PRO A 219 -7.12 0.31 4.58
C PRO A 219 -5.73 -0.15 5.07
N LEU A 220 -5.15 0.66 5.93
CA LEU A 220 -3.80 0.41 6.49
C LEU A 220 -3.86 0.35 8.02
N GLU A 221 -2.73 0.06 8.62
CA GLU A 221 -2.54 0.12 10.10
C GLU A 221 -1.21 0.85 10.38
N LEU A 222 -1.06 2.07 9.84
CA LEU A 222 0.21 2.83 10.03
C LEU A 222 0.41 3.16 11.50
N GLY A 223 -0.66 3.40 12.23
CA GLY A 223 -0.58 3.80 13.64
C GLY A 223 0.10 2.76 14.49
N SER A 224 0.11 1.48 14.13
CA SER A 224 0.63 0.39 15.00
C SER A 224 2.11 0.07 14.72
N GLN A 225 2.72 0.76 13.74
CA GLN A 225 4.17 0.65 13.44
C GLN A 225 5.00 1.22 14.61
N THR A 226 6.13 0.58 14.87
CA THR A 226 7.13 1.05 15.86
C THR A 226 7.69 2.38 15.37
N ILE A 227 7.69 3.39 16.23
CA ILE A 227 8.22 4.75 15.92
C ILE A 227 9.71 4.64 15.70
N PRO A 228 10.24 5.03 14.49
CA PRO A 228 11.68 5.15 14.32
C PRO A 228 12.19 6.47 14.89
N MET A 229 13.43 6.48 15.35
CA MET A 229 13.98 7.68 16.04
C MET A 229 14.35 8.82 15.09
N ARG A 230 14.50 10.00 15.67
CA ARG A 230 15.31 11.10 15.10
C ARG A 230 16.37 11.42 16.16
N LYS A 231 16.25 12.55 16.82
CA LYS A 231 17.19 12.92 17.91
C LYS A 231 16.45 12.83 19.25
N ASP A 232 15.57 11.86 19.42
CA ASP A 232 14.53 11.83 20.49
C ASP A 232 14.63 10.49 21.21
N ILE A 233 15.77 9.80 21.15
CA ILE A 233 15.88 8.45 21.77
C ILE A 233 15.45 8.53 23.25
N ASP A 234 15.80 9.57 24.00
CA ASP A 234 15.48 9.60 25.45
C ASP A 234 13.97 9.75 25.63
N TYR A 235 13.34 10.53 24.77
CA TYR A 235 11.87 10.80 24.81
C TYR A 235 11.10 9.50 24.51
N ILE A 236 11.49 8.79 23.45
CA ILE A 236 10.91 7.48 23.10
C ILE A 236 11.14 6.51 24.29
N GLN A 237 12.36 6.43 24.85
CA GLN A 237 12.66 5.48 25.96
C GLN A 237 11.83 5.86 27.19
N THR A 238 11.54 7.13 27.41
CA THR A 238 10.67 7.52 28.56
C THR A 238 9.30 6.85 28.41
N LEU A 239 8.72 6.91 27.22
CA LEU A 239 7.37 6.34 26.99
C LEU A 239 7.49 4.81 27.01
N HIS A 240 8.60 4.27 26.46
CA HIS A 240 8.85 2.83 26.47
C HIS A 240 8.74 2.33 27.92
N ALA A 241 9.41 2.99 28.87
CA ALA A 241 9.50 2.52 30.26
C ALA A 241 8.12 2.61 30.90
N GLU A 242 7.32 3.58 30.50
CA GLU A 242 5.96 3.84 31.06
C GLU A 242 5.01 2.75 30.53
N LEU A 243 5.06 2.43 29.23
CA LEU A 243 4.10 1.47 28.61
C LEU A 243 4.51 0.03 28.85
N LYS A 244 5.81 -0.20 29.04
CA LYS A 244 6.45 -1.53 28.97
C LYS A 244 6.34 -2.11 27.57
N LEU A 245 6.22 -1.25 26.56
CA LEU A 245 6.14 -1.68 25.14
C LEU A 245 6.87 -0.64 24.31
N LEU A 246 7.57 -1.10 23.27
CA LEU A 246 8.14 -0.17 22.28
C LEU A 246 7.01 0.69 21.73
N PRO A 247 7.14 2.02 21.80
CA PRO A 247 6.07 2.90 21.36
C PRO A 247 5.83 2.77 19.87
N ASN A 248 4.56 2.81 19.49
CA ASN A 248 4.07 2.90 18.09
C ASN A 248 3.57 4.33 17.85
N TYR A 249 3.25 4.68 16.61
CA TYR A 249 2.85 6.05 16.29
C TYR A 249 1.64 6.46 17.13
N GLU A 250 0.65 5.60 17.20
CA GLU A 250 -0.63 5.93 17.92
C GLU A 250 -0.31 6.25 19.40
N ASN A 251 0.69 5.63 19.99
CA ASN A 251 1.05 5.91 21.40
C ASN A 251 1.47 7.38 21.56
N MET A 252 2.07 8.01 20.55
CA MET A 252 2.42 9.45 20.57
C MET A 252 1.31 10.30 19.97
N VAL A 253 0.47 9.76 19.07
CA VAL A 253 -0.53 10.53 18.32
C VAL A 253 -1.92 9.97 18.66
N SER A 254 -2.45 10.41 19.80
CA SER A 254 -3.65 9.85 20.44
C SER A 254 -3.96 10.78 21.62
N GLY A 255 -5.14 10.67 22.18
CA GLY A 255 -5.45 11.30 23.48
C GLY A 255 -4.41 10.94 24.53
N ALA A 256 -4.16 9.65 24.72
CA ALA A 256 -3.15 9.20 25.70
C ALA A 256 -1.82 9.86 25.37
N GLY A 257 -1.49 9.94 24.07
CA GLY A 257 -0.22 10.56 23.68
C GLY A 257 -0.14 12.03 24.07
N LEU A 258 -1.17 12.79 23.79
CA LEU A 258 -1.21 14.20 24.13
C LEU A 258 -1.09 14.39 25.65
N GLU A 259 -1.75 13.53 26.44
CA GLU A 259 -1.63 13.51 27.94
C GLU A 259 -0.17 13.28 28.33
N PHE A 260 0.48 12.32 27.70
CA PHE A 260 1.93 12.08 27.89
C PHE A 260 2.76 13.31 27.59
N HIS A 261 2.59 13.91 26.40
CA HIS A 261 3.37 15.08 26.01
C HIS A 261 3.20 16.18 27.06
N TYR A 262 1.97 16.42 27.53
CA TYR A 262 1.71 17.47 28.51
C TYR A 262 2.44 17.12 29.83
N ARG A 263 2.40 15.88 30.28
CA ARG A 263 3.16 15.45 31.50
C ARG A 263 4.65 15.73 31.30
N GLN A 264 5.18 15.50 30.10
CA GLN A 264 6.63 15.65 29.89
C GLN A 264 6.98 17.14 29.84
N VAL A 265 6.08 18.02 29.38
CA VAL A 265 6.27 19.50 29.39
C VAL A 265 6.35 19.98 30.85
N VAL A 266 5.35 19.65 31.65
CA VAL A 266 5.23 20.30 32.99
C VAL A 266 6.10 19.62 34.05
N ARG A 267 6.56 18.39 33.82
CA ARG A 267 7.55 17.74 34.71
C ARG A 267 7.10 17.81 36.18
N GLY A 268 5.87 17.46 36.51
CA GLY A 268 5.40 17.46 37.91
C GLY A 268 5.02 18.83 38.45
N SER A 269 5.26 19.94 37.76
CA SER A 269 4.95 21.31 38.27
C SER A 269 3.46 21.62 38.11
N ARG A 270 2.72 20.84 37.33
CA ARG A 270 1.26 21.06 37.12
C ARG A 270 0.55 19.71 37.14
N PRO A 271 -0.77 19.71 37.43
CA PRO A 271 -1.54 18.49 37.55
C PRO A 271 -1.74 17.89 36.16
N PRO A 272 -1.80 16.56 36.04
CA PRO A 272 -2.05 15.91 34.74
C PRO A 272 -3.46 16.25 34.21
N CYS A 273 -3.58 16.48 32.90
CA CYS A 273 -4.85 16.87 32.23
C CYS A 273 -5.24 15.83 31.21
N SER A 274 -6.54 15.80 30.86
CA SER A 274 -7.05 14.96 29.76
C SER A 274 -6.68 15.62 28.44
N ALA A 275 -6.65 14.84 27.38
CA ALA A 275 -6.51 15.35 25.99
C ALA A 275 -7.46 16.54 25.71
N GLY A 276 -8.74 16.44 26.04
CA GLY A 276 -9.74 17.54 25.88
C GLY A 276 -9.33 18.80 26.60
N GLU A 277 -8.94 18.67 27.86
CA GLU A 277 -8.46 19.79 28.72
C GLU A 277 -7.25 20.46 28.02
N ILE A 278 -6.30 19.65 27.58
CA ILE A 278 -5.05 20.13 26.95
C ILE A 278 -5.39 20.93 25.68
N ALA A 279 -6.28 20.43 24.84
CA ALA A 279 -6.60 21.11 23.56
C ALA A 279 -7.28 22.43 23.90
N LYS A 280 -8.17 22.42 24.90
CA LYS A 280 -8.85 23.66 25.33
C LYS A 280 -7.81 24.66 25.82
N LEU A 281 -6.89 24.26 26.71
CA LEU A 281 -5.83 25.15 27.25
C LEU A 281 -5.00 25.72 26.08
N ALA A 282 -4.66 24.90 25.11
CA ALA A 282 -3.87 25.35 23.94
C ALA A 282 -4.66 26.45 23.21
N SER A 283 -5.95 26.25 22.98
CA SER A 283 -6.79 27.21 22.23
C SER A 283 -6.79 28.54 22.98
N GLU A 284 -6.52 28.53 24.29
CA GLU A 284 -6.58 29.74 25.14
C GLU A 284 -5.19 30.35 25.31
N GLY A 285 -4.18 29.79 24.63
CA GLY A 285 -2.81 30.33 24.58
C GLY A 285 -1.96 29.86 25.74
N ASP A 286 -2.33 28.79 26.46
CA ASP A 286 -1.47 28.24 27.52
C ASP A 286 -0.19 27.69 26.88
N ALA A 287 0.96 28.21 27.28
CA ALA A 287 2.30 27.84 26.79
C ALA A 287 2.54 26.32 26.97
N ASN A 288 2.27 25.75 28.15
CA ASN A 288 2.49 24.30 28.36
C ASN A 288 1.65 23.45 27.40
N ALA A 289 0.36 23.74 27.26
CA ALA A 289 -0.57 22.92 26.46
C ALA A 289 -0.16 23.10 24.98
N CYS A 290 0.21 24.32 24.58
CA CYS A 290 0.65 24.59 23.19
C CYS A 290 1.89 23.74 22.90
N LYS A 291 2.80 23.62 23.85
CA LYS A 291 4.03 22.83 23.66
C LYS A 291 3.64 21.35 23.52
N ALA A 292 2.68 20.87 24.32
CA ALA A 292 2.19 19.47 24.23
C ALA A 292 1.59 19.24 22.83
N MET A 293 0.77 20.18 22.34
CA MET A 293 0.20 20.08 20.99
C MET A 293 1.30 20.08 19.92
N LYS A 294 2.35 20.85 20.10
CA LYS A 294 3.45 20.86 19.12
C LYS A 294 4.07 19.45 19.09
N LYS A 295 4.24 18.85 20.26
CA LYS A 295 4.89 17.51 20.35
C LYS A 295 4.00 16.45 19.70
N TYR A 296 2.67 16.50 19.91
CA TYR A 296 1.71 15.60 19.27
C TYR A 296 1.88 15.69 17.74
N HIS A 297 1.98 16.92 17.22
CA HIS A 297 2.04 17.11 15.75
C HIS A 297 3.43 16.78 15.20
N GLU A 298 4.46 16.87 16.05
CA GLU A 298 5.81 16.40 15.67
C GLU A 298 5.77 14.90 15.30
N TYR A 299 5.13 14.08 16.10
CA TYR A 299 5.01 12.63 15.84
C TYR A 299 4.02 12.38 14.69
N LEU A 300 2.95 13.16 14.58
CA LEU A 300 2.07 13.02 13.38
C LEU A 300 2.89 13.25 12.10
N MET A 301 3.74 14.24 12.07
CA MET A 301 4.55 14.54 10.88
C MET A 301 5.59 13.45 10.67
N ARG A 302 5.95 12.71 11.71
CA ARG A 302 6.89 11.58 11.55
C ARG A 302 6.18 10.46 10.81
N VAL A 303 4.91 10.18 11.10
CA VAL A 303 4.09 9.18 10.35
C VAL A 303 4.10 9.61 8.89
N GLY A 304 3.89 10.90 8.69
CA GLY A 304 3.80 11.51 7.37
C GLY A 304 5.12 11.37 6.61
N SER A 305 6.26 11.68 7.24
CA SER A 305 7.57 11.67 6.54
C SER A 305 7.88 10.22 6.14
N GLU A 306 7.64 9.28 7.03
CA GLU A 306 8.01 7.87 6.73
C GLU A 306 7.03 7.27 5.74
N ALA A 307 5.75 7.60 5.84
CA ALA A 307 4.78 7.09 4.83
C ALA A 307 4.99 7.79 3.50
N SER A 308 5.43 9.05 3.50
CA SER A 308 5.74 9.79 2.25
C SER A 308 6.81 9.03 1.48
N MET A 309 7.76 8.40 2.19
CA MET A 309 8.82 7.61 1.53
C MET A 309 8.22 6.26 1.10
N ALA A 310 7.59 5.54 2.02
CA ALA A 310 7.16 4.15 1.80
C ALA A 310 6.06 4.08 0.76
N LEU A 311 5.13 5.06 0.74
CA LEU A 311 3.90 4.90 -0.09
C LEU A 311 3.90 5.82 -1.31
N LEU A 312 4.85 6.75 -1.41
CA LEU A 312 4.97 7.78 -2.48
C LEU A 312 3.62 8.43 -2.77
N PRO A 313 2.98 9.02 -1.78
CA PRO A 313 1.72 9.71 -2.05
C PRO A 313 1.88 11.09 -2.73
N LEU A 314 0.91 11.45 -3.55
CA LEU A 314 0.81 12.85 -4.05
C LEU A 314 0.32 13.75 -2.90
N THR A 315 -0.59 13.27 -2.05
CA THR A 315 -1.27 14.11 -1.02
C THR A 315 -1.38 13.31 0.27
N ILE A 316 -1.34 14.03 1.35
CA ILE A 316 -1.73 13.53 2.69
C ILE A 316 -2.88 14.42 3.15
N VAL A 317 -3.95 13.80 3.60
CA VAL A 317 -5.18 14.55 4.07
C VAL A 317 -5.44 14.11 5.52
N LEU A 318 -5.55 15.08 6.43
CA LEU A 318 -5.86 14.83 7.85
C LEU A 318 -7.37 15.01 8.00
N VAL A 319 -8.07 14.01 8.46
CA VAL A 319 -9.57 14.00 8.50
C VAL A 319 -10.02 13.81 9.95
N GLY A 320 -11.25 14.22 10.17
CA GLY A 320 -12.00 13.92 11.40
C GLY A 320 -12.46 15.14 12.15
N ASP A 321 -13.36 14.91 13.11
CA ASP A 321 -13.96 16.02 13.90
C ASP A 321 -12.84 16.72 14.70
N ASN A 322 -11.91 15.93 15.23
CA ASN A 322 -10.77 16.45 16.03
C ASN A 322 -9.96 17.45 15.21
N ILE A 323 -9.70 17.13 13.94
CA ILE A 323 -8.89 18.00 13.06
C ILE A 323 -9.67 19.30 12.83
N VAL A 324 -10.96 19.19 12.56
CA VAL A 324 -11.79 20.40 12.33
C VAL A 324 -11.83 21.22 13.60
N ASN A 325 -12.06 20.59 14.75
CA ASN A 325 -12.21 21.28 16.04
C ASN A 325 -10.89 21.96 16.42
N ASN A 326 -9.74 21.43 15.97
CA ASN A 326 -8.39 21.98 16.29
C ASN A 326 -7.91 22.90 15.18
N ALA A 327 -8.80 23.46 14.36
CA ALA A 327 -8.44 24.40 13.28
C ALA A 327 -7.57 25.57 13.82
N PHE A 328 -7.72 26.01 15.06
CA PHE A 328 -6.88 27.11 15.61
C PHE A 328 -5.42 26.74 15.47
N PHE A 329 -5.07 25.48 15.67
CA PHE A 329 -3.65 25.04 15.69
C PHE A 329 -3.09 25.13 14.27
N TYR A 330 -3.85 24.68 13.28
CA TYR A 330 -3.39 24.59 11.86
C TYR A 330 -3.38 25.96 11.19
N ARG A 331 -4.17 26.92 11.69
CA ARG A 331 -4.26 28.28 11.08
C ARG A 331 -3.04 29.12 11.48
N ASN A 332 -2.38 28.78 12.59
CA ASN A 332 -1.24 29.54 13.19
C ASN A 332 0.00 29.29 12.34
N PRO A 333 0.59 30.33 11.71
CA PRO A 333 1.63 30.12 10.72
C PRO A 333 2.92 29.58 11.36
N GLN A 334 3.19 29.89 12.64
CA GLN A 334 4.37 29.34 13.34
C GLN A 334 4.18 27.82 13.50
N ASN A 335 2.98 27.37 13.87
CA ASN A 335 2.72 25.92 14.05
C ASN A 335 2.89 25.22 12.68
N LEU A 336 2.41 25.85 11.61
CA LEU A 336 2.45 25.28 10.26
C LEU A 336 3.92 25.19 9.81
N LYS A 337 4.74 26.19 10.12
CA LYS A 337 6.18 26.16 9.71
C LYS A 337 6.87 25.00 10.46
N GLU A 338 6.61 24.82 11.76
CA GLU A 338 7.18 23.75 12.60
C GLU A 338 6.72 22.37 12.11
N MET A 339 5.45 22.23 11.70
CA MET A 339 4.95 20.95 11.15
C MET A 339 5.67 20.66 9.82
N HIS A 340 5.80 21.66 8.96
CA HIS A 340 6.41 21.49 7.62
C HIS A 340 7.86 21.04 7.83
N ARG A 341 8.56 21.70 8.72
CA ARG A 341 9.97 21.34 9.05
C ARG A 341 10.03 19.86 9.47
N GLU A 342 9.11 19.38 10.30
CA GLU A 342 9.16 17.96 10.75
C GLU A 342 8.74 17.05 9.62
N ALA A 343 7.77 17.44 8.78
CA ALA A 343 7.39 16.61 7.63
C ALA A 343 8.60 16.35 6.74
N LEU A 344 9.57 17.28 6.71
CA LEU A 344 10.77 17.15 5.84
C LEU A 344 11.93 16.55 6.61
N ASN A 345 11.74 16.18 7.86
CA ASN A 345 12.83 15.67 8.70
C ASN A 345 13.01 14.16 8.44
N HIS A 346 13.70 13.86 7.34
CA HIS A 346 13.90 12.47 6.88
C HIS A 346 15.17 12.44 6.02
N GLU A 347 15.98 11.40 6.16
CA GLU A 347 17.27 11.37 5.43
C GLU A 347 16.98 11.45 3.91
N MET A 348 15.79 11.00 3.45
CA MET A 348 15.52 10.89 2.03
C MET A 348 15.07 12.24 1.49
N GLU A 349 14.93 13.23 2.35
CA GLU A 349 14.58 14.58 1.87
C GLU A 349 15.75 15.18 1.07
N ARG A 350 16.98 14.64 1.15
CA ARG A 350 18.08 15.12 0.32
C ARG A 350 17.72 14.88 -1.16
N PHE A 351 16.79 13.96 -1.44
CA PHE A 351 16.31 13.67 -2.80
C PHE A 351 14.94 14.28 -3.06
N GLY A 352 14.38 14.97 -2.08
CA GLY A 352 13.08 15.67 -2.27
C GLY A 352 11.85 14.84 -2.01
N PHE A 353 11.96 13.62 -1.46
CA PHE A 353 10.79 12.75 -1.33
C PHE A 353 9.74 13.35 -0.42
N GLN A 354 10.12 13.89 0.71
CA GLN A 354 9.09 14.38 1.67
C GLN A 354 8.45 15.66 1.12
N SER A 355 9.20 16.49 0.39
CA SER A 355 8.67 17.81 -0.06
C SER A 355 7.80 17.65 -1.31
N ARG A 356 7.73 16.45 -1.90
CA ARG A 356 6.87 16.18 -3.06
C ARG A 356 5.42 16.32 -2.67
N VAL A 357 5.12 16.00 -1.40
CA VAL A 357 3.75 15.69 -0.95
C VAL A 357 3.01 16.97 -0.55
N THR A 358 1.76 17.14 -1.01
CA THR A 358 0.87 18.21 -0.58
C THR A 358 0.13 17.73 0.69
N TYR A 359 0.14 18.54 1.73
CA TYR A 359 -0.62 18.20 2.97
C TYR A 359 -1.91 19.03 3.01
N LEU A 360 -3.04 18.38 3.27
CA LEU A 360 -4.32 19.11 3.47
C LEU A 360 -4.93 18.73 4.81
N ARG A 361 -5.86 19.53 5.31
CA ARG A 361 -6.55 19.21 6.57
C ARG A 361 -8.04 19.48 6.37
N GLN A 362 -8.86 18.64 6.96
CA GLN A 362 -10.35 18.87 6.96
C GLN A 362 -10.61 20.15 7.73
N LYS A 363 -11.44 21.04 7.19
CA LYS A 363 -11.68 22.35 7.85
C LYS A 363 -13.18 22.55 8.08
N LYS A 364 -14.00 21.62 7.62
CA LYS A 364 -15.48 21.71 7.78
C LYS A 364 -16.01 20.32 8.12
N LEU A 365 -16.87 20.23 9.14
CA LEU A 365 -17.45 18.94 9.52
C LEU A 365 -18.23 18.31 8.35
N LEU A 366 -18.15 16.99 8.26
CA LEU A 366 -18.92 16.19 7.28
C LEU A 366 -18.86 14.73 7.71
N ASN A 367 -19.98 14.02 7.64
CA ASN A 367 -19.95 12.54 7.79
C ASN A 367 -19.31 11.93 6.52
N LEU A 368 -17.98 11.85 6.50
CA LEU A 368 -17.26 11.25 5.35
C LEU A 368 -17.68 9.79 5.18
N ASN A 369 -18.01 9.08 6.26
CA ASN A 369 -18.28 7.63 6.19
C ASN A 369 -19.55 7.41 5.37
N LEU A 370 -20.62 8.18 5.63
CA LEU A 370 -21.88 8.04 4.87
C LEU A 370 -21.66 8.34 3.40
N MET A 371 -20.97 9.44 3.12
CA MET A 371 -20.63 9.80 1.73
C MET A 371 -19.76 8.70 1.08
N GLY A 372 -18.82 8.12 1.83
CA GLY A 372 -17.95 7.05 1.28
C GLY A 372 -18.72 5.76 0.99
N CYS A 373 -19.72 5.40 1.83
CA CYS A 373 -20.61 4.26 1.49
C CYS A 373 -21.24 4.47 0.11
N TYR A 374 -21.67 5.68 -0.16
CA TYR A 374 -22.34 6.03 -1.43
C TYR A 374 -21.34 5.91 -2.57
N ARG A 375 -20.15 6.47 -2.35
CA ARG A 375 -19.11 6.55 -3.41
C ARG A 375 -18.65 5.13 -3.70
N CYS A 376 -18.46 4.31 -2.68
CA CYS A 376 -18.09 2.91 -2.89
C CYS A 376 -19.15 2.17 -3.74
N GLY A 377 -20.45 2.44 -3.48
CA GLY A 377 -21.53 1.78 -4.24
C GLY A 377 -21.47 2.14 -5.71
N LEU A 378 -20.97 3.31 -6.06
CA LEU A 378 -20.86 3.71 -7.51
C LEU A 378 -19.90 2.81 -8.29
N ASP A 379 -18.89 2.25 -7.63
CA ASP A 379 -17.89 1.39 -8.32
C ASP A 379 -18.45 -0.04 -8.38
N LEU A 380 -19.60 -0.31 -7.78
CA LEU A 380 -20.12 -1.68 -7.77
C LEU A 380 -21.06 -1.91 -9.01
N SER A 381 -21.27 -0.94 -9.89
CA SER A 381 -22.33 -1.00 -10.95
C SER A 381 -21.82 -1.76 -12.22
N MET B 13 7.09 -28.21 -17.07
CA MET B 13 7.73 -27.06 -17.76
C MET B 13 6.67 -26.03 -18.15
N ALA B 14 6.01 -25.40 -17.18
CA ALA B 14 4.88 -24.54 -17.53
C ALA B 14 5.33 -23.09 -17.74
N MET B 15 6.55 -22.76 -17.37
CA MET B 15 7.12 -21.41 -17.60
C MET B 15 8.54 -21.53 -18.12
N ASN B 16 8.74 -21.06 -19.33
CA ASN B 16 9.95 -21.41 -20.11
C ASN B 16 10.46 -20.12 -20.72
N ILE B 17 11.65 -19.67 -20.32
CA ILE B 17 12.28 -18.50 -20.96
C ILE B 17 13.61 -18.99 -21.52
N LYS B 18 13.72 -18.90 -22.81
CA LYS B 18 14.92 -19.31 -23.57
C LYS B 18 15.59 -18.07 -24.11
N GLU B 19 16.90 -18.00 -23.88
CA GLU B 19 17.76 -16.94 -24.44
C GLU B 19 18.39 -17.45 -25.73
N LEU B 20 18.30 -16.65 -26.79
CA LEU B 20 18.78 -17.00 -28.16
C LEU B 20 19.57 -15.81 -28.71
N SER B 21 20.44 -16.04 -29.69
CA SER B 21 20.94 -14.94 -30.57
C SER B 21 19.74 -14.37 -31.33
N LEU B 22 19.89 -13.16 -31.87
CA LEU B 22 18.82 -12.50 -32.66
C LEU B 22 18.48 -13.39 -33.84
N HIS B 23 19.51 -13.93 -34.50
CA HIS B 23 19.28 -14.78 -35.69
C HIS B 23 18.51 -16.05 -35.29
N GLU B 24 18.91 -16.68 -34.19
CA GLU B 24 18.18 -17.90 -33.74
C GLU B 24 16.75 -17.53 -33.31
N LEU B 25 16.56 -16.37 -32.69
CA LEU B 25 15.19 -15.92 -32.30
C LEU B 25 14.30 -15.80 -33.55
N CYS B 26 14.82 -15.21 -34.62
CA CYS B 26 14.10 -15.06 -35.92
C CYS B 26 13.73 -16.46 -36.41
N GLU B 27 14.64 -17.43 -36.38
CA GLU B 27 14.35 -18.81 -36.88
C GLU B 27 13.29 -19.46 -36.00
N GLU B 28 13.39 -19.29 -34.68
CA GLU B 28 12.42 -19.88 -33.74
C GLU B 28 11.00 -19.32 -33.99
N LEU B 29 10.85 -18.02 -34.24
CA LEU B 29 9.50 -17.39 -34.41
C LEU B 29 8.84 -17.85 -35.73
N LYS B 30 9.58 -18.45 -36.66
CA LYS B 30 8.99 -19.02 -37.90
C LYS B 30 8.55 -20.47 -37.71
N THR B 31 8.77 -21.09 -36.53
CA THR B 31 8.35 -22.51 -36.30
C THR B 31 6.85 -22.54 -36.01
N PRO B 32 6.17 -23.67 -36.29
CA PRO B 32 4.71 -23.77 -36.10
C PRO B 32 4.22 -23.41 -34.70
N ALA B 33 4.98 -23.75 -33.65
CA ALA B 33 4.57 -23.52 -32.24
C ALA B 33 4.38 -22.02 -31.98
N TRP B 34 5.01 -21.14 -32.78
CA TRP B 34 5.03 -19.68 -32.58
C TRP B 34 4.03 -18.99 -33.52
N ASN B 35 3.25 -19.75 -34.27
CA ASN B 35 2.21 -19.20 -35.18
C ASN B 35 0.94 -18.97 -34.36
N VAL B 36 1.05 -18.13 -33.35
CA VAL B 36 -0.05 -17.79 -32.41
C VAL B 36 0.12 -16.32 -32.08
N PRO B 37 -0.83 -15.70 -31.35
CA PRO B 37 -0.62 -14.32 -30.93
C PRO B 37 0.60 -14.20 -30.00
N LEU B 38 1.32 -13.08 -30.12
CA LEU B 38 2.58 -12.78 -29.40
C LEU B 38 2.42 -11.50 -28.60
N THR B 39 3.12 -11.48 -27.48
CA THR B 39 3.44 -10.26 -26.73
C THR B 39 4.91 -9.95 -26.88
N PHE B 40 5.25 -8.72 -27.22
CA PHE B 40 6.63 -8.20 -27.24
C PHE B 40 6.96 -7.77 -25.83
N VAL B 41 8.09 -8.23 -25.28
CA VAL B 41 8.45 -7.88 -23.86
C VAL B 41 9.89 -7.43 -23.85
N GLY B 42 10.22 -6.61 -22.85
CA GLY B 42 11.63 -6.19 -22.67
C GLY B 42 11.92 -5.87 -21.22
N ASP B 43 12.99 -6.47 -20.68
CA ASP B 43 13.50 -6.22 -19.31
C ASP B 43 14.77 -5.40 -19.46
N VAL B 44 14.67 -4.10 -19.20
CA VAL B 44 15.79 -3.16 -19.42
C VAL B 44 16.50 -2.87 -18.10
N GLY B 45 17.78 -3.23 -18.02
CA GLY B 45 18.64 -2.93 -16.86
C GLY B 45 19.66 -1.84 -17.17
N GLY B 46 20.57 -1.57 -16.22
CA GLY B 46 21.63 -0.56 -16.37
C GLY B 46 22.66 -0.92 -17.46
N THR B 47 22.92 -2.20 -17.68
CA THR B 47 24.03 -2.67 -18.54
C THR B 47 23.51 -3.47 -19.73
N SER B 48 22.36 -4.11 -19.59
CA SER B 48 21.79 -4.96 -20.66
C SER B 48 20.27 -4.91 -20.60
N ALA B 49 19.69 -5.32 -21.70
CA ALA B 49 18.23 -5.52 -21.87
C ALA B 49 18.02 -6.90 -22.47
N ARG B 50 17.01 -7.60 -22.00
CA ARG B 50 16.57 -8.88 -22.59
C ARG B 50 15.21 -8.61 -23.22
N MET B 51 15.10 -8.80 -24.54
CA MET B 51 13.81 -8.49 -25.19
C MET B 51 13.48 -9.62 -26.15
N GLY B 52 12.18 -9.77 -26.41
CA GLY B 52 11.68 -10.90 -27.18
C GLY B 52 10.19 -11.03 -27.08
N PHE B 53 9.75 -12.24 -27.31
CA PHE B 53 8.34 -12.55 -27.57
C PHE B 53 7.91 -13.64 -26.60
N VAL B 54 6.62 -13.54 -26.21
CA VAL B 54 5.99 -14.51 -25.30
C VAL B 54 4.72 -15.00 -25.97
N ARG B 55 4.45 -16.29 -25.83
CA ARG B 55 3.18 -16.91 -26.27
C ARG B 55 2.60 -17.73 -25.12
N GLU B 56 1.30 -17.99 -25.20
CA GLU B 56 0.62 -18.96 -24.31
C GLU B 56 0.84 -20.35 -24.95
N GLY B 57 0.92 -21.42 -24.14
CA GLY B 57 0.88 -22.83 -24.59
C GLY B 57 -0.28 -23.55 -23.91
N LYS B 58 -0.24 -24.89 -23.83
CA LYS B 58 -1.29 -25.75 -23.18
C LYS B 58 -1.43 -25.40 -21.68
N ASN B 59 -2.64 -25.44 -21.12
CA ASN B 59 -2.83 -25.43 -19.64
C ASN B 59 -2.25 -24.13 -19.04
N ASP B 60 -2.41 -23.01 -19.75
CA ASP B 60 -2.03 -21.64 -19.30
C ASP B 60 -0.50 -21.59 -19.13
N SER B 61 0.25 -22.46 -19.83
CA SER B 61 1.72 -22.40 -19.89
C SER B 61 2.18 -21.12 -20.59
N VAL B 62 3.41 -20.71 -20.31
CA VAL B 62 4.01 -19.46 -20.82
C VAL B 62 5.34 -19.83 -21.44
N HIS B 63 5.55 -19.36 -22.65
CA HIS B 63 6.79 -19.65 -23.40
C HIS B 63 7.37 -18.34 -23.94
N ALA B 64 8.62 -18.07 -23.58
CA ALA B 64 9.24 -16.82 -24.02
C ALA B 64 10.55 -17.16 -24.70
N CYS B 65 10.89 -16.34 -25.66
N CYS B 65 10.88 -16.42 -25.74
CA CYS B 65 12.16 -16.41 -26.40
CA CYS B 65 12.21 -16.45 -26.41
C CYS B 65 12.73 -14.99 -26.47
C CYS B 65 12.70 -15.01 -26.42
N VAL B 66 13.93 -14.77 -25.94
CA VAL B 66 14.47 -13.40 -25.80
C VAL B 66 15.93 -13.41 -26.22
N THR B 67 16.44 -12.22 -26.58
CA THR B 67 17.86 -11.99 -26.89
C THR B 67 18.39 -10.93 -25.92
N ARG B 68 19.70 -10.98 -25.65
CA ARG B 68 20.38 -9.96 -24.84
C ARG B 68 20.95 -8.85 -25.74
N TYR B 69 20.71 -7.60 -25.33
CA TYR B 69 21.29 -6.36 -25.93
C TYR B 69 22.18 -5.69 -24.89
N SER B 70 23.38 -5.21 -25.24
CA SER B 70 24.18 -4.33 -24.32
C SER B 70 23.64 -2.89 -24.40
N MET B 71 23.48 -2.24 -23.26
CA MET B 71 23.09 -0.82 -23.23
C MET B 71 24.42 -0.05 -23.38
N LYS B 72 25.05 -0.17 -24.55
CA LYS B 72 26.47 0.22 -24.77
C LYS B 72 26.59 1.71 -24.41
N ARG B 73 25.72 2.52 -25.00
CA ARG B 73 25.69 3.99 -24.86
C ARG B 73 25.15 4.42 -23.48
N LYS B 74 24.74 3.50 -22.61
CA LYS B 74 24.09 3.84 -21.31
C LYS B 74 23.00 4.91 -21.58
N ASP B 75 22.20 4.65 -22.62
CA ASP B 75 21.23 5.64 -23.15
C ASP B 75 19.92 4.90 -23.45
N ILE B 76 18.85 5.25 -22.74
CA ILE B 76 17.55 4.54 -22.85
C ILE B 76 17.02 4.65 -24.27
N THR B 77 17.39 5.68 -25.02
CA THR B 77 16.82 5.93 -26.38
C THR B 77 17.41 4.90 -27.34
N GLU B 78 18.48 4.21 -26.97
CA GLU B 78 19.06 3.16 -27.85
C GLU B 78 18.04 2.01 -28.02
N LEU B 79 17.09 1.86 -27.10
CA LEU B 79 16.04 0.83 -27.26
C LEU B 79 15.35 0.98 -28.62
N ILE B 80 15.15 2.20 -29.12
CA ILE B 80 14.41 2.40 -30.39
C ILE B 80 15.22 1.77 -31.54
N GLU B 81 16.54 1.84 -31.47
CA GLU B 81 17.40 1.20 -32.51
C GLU B 81 17.20 -0.30 -32.42
N PHE B 82 17.17 -0.87 -31.21
CA PHE B 82 16.91 -2.32 -31.02
C PHE B 82 15.54 -2.67 -31.61
N PHE B 83 14.50 -1.91 -31.28
CA PHE B 83 13.14 -2.20 -31.80
C PHE B 83 13.14 -2.18 -33.34
N ASN B 84 13.77 -1.19 -33.95
CA ASN B 84 13.83 -1.05 -35.44
C ASN B 84 14.65 -2.21 -36.03
N GLU B 85 15.71 -2.68 -35.36
CA GLU B 85 16.53 -3.81 -35.86
C GLU B 85 15.66 -5.08 -35.86
N ILE B 86 14.90 -5.30 -34.78
CA ILE B 86 14.02 -6.48 -34.67
C ILE B 86 12.99 -6.43 -35.81
N ILE B 87 12.36 -5.28 -36.04
CA ILE B 87 11.31 -5.15 -37.09
C ILE B 87 11.94 -5.39 -38.46
N GLU B 88 13.15 -4.88 -38.68
CA GLU B 88 13.81 -4.99 -40.01
C GLU B 88 14.12 -6.46 -40.24
N LEU B 89 14.56 -7.21 -39.22
CA LEU B 89 15.06 -8.59 -39.39
C LEU B 89 13.90 -9.59 -39.42
N MET B 90 12.85 -9.41 -38.62
CA MET B 90 11.76 -10.41 -38.54
C MET B 90 10.88 -10.34 -39.78
N PRO B 91 10.35 -11.48 -40.28
CA PRO B 91 9.36 -11.43 -41.35
C PRO B 91 8.10 -10.65 -40.94
N ALA B 92 7.45 -10.00 -41.92
CA ALA B 92 6.17 -9.30 -41.70
C ALA B 92 5.20 -10.26 -41.00
N SER B 93 5.26 -11.56 -41.37
CA SER B 93 4.34 -12.64 -40.90
C SER B 93 4.44 -12.79 -39.36
N VAL B 94 5.66 -12.67 -38.84
CA VAL B 94 5.94 -12.70 -37.38
C VAL B 94 5.46 -11.44 -36.68
N ILE B 95 5.81 -10.26 -37.21
CA ILE B 95 5.50 -8.98 -36.57
C ILE B 95 3.97 -8.80 -36.55
N LYS B 96 3.28 -9.33 -37.54
CA LYS B 96 1.79 -9.21 -37.65
C LYS B 96 1.14 -9.87 -36.44
N ARG B 97 1.80 -10.83 -35.81
CA ARG B 97 1.18 -11.60 -34.71
C ARG B 97 1.30 -10.87 -33.39
N VAL B 98 2.04 -9.78 -33.31
CA VAL B 98 2.27 -9.07 -32.00
C VAL B 98 0.99 -8.33 -31.67
N LYS B 99 0.38 -8.61 -30.52
CA LYS B 99 -0.92 -8.03 -30.13
C LYS B 99 -0.73 -7.06 -28.97
N ALA B 100 0.43 -7.04 -28.31
CA ALA B 100 0.74 -6.20 -27.14
C ALA B 100 2.26 -6.04 -27.04
N GLY B 101 2.71 -4.93 -26.47
CA GLY B 101 4.14 -4.63 -26.21
C GLY B 101 4.29 -4.00 -24.85
N VAL B 102 5.07 -4.60 -23.99
CA VAL B 102 5.31 -4.08 -22.63
C VAL B 102 6.79 -4.23 -22.29
N ILE B 103 7.40 -3.15 -21.86
CA ILE B 103 8.78 -3.22 -21.33
C ILE B 103 8.79 -2.66 -19.91
N ASN B 104 9.83 -3.00 -19.17
CA ASN B 104 10.07 -2.42 -17.84
C ASN B 104 11.44 -1.75 -17.87
N VAL B 105 11.54 -0.65 -17.10
CA VAL B 105 12.74 0.23 -17.05
C VAL B 105 13.07 0.55 -15.59
N PRO B 106 14.35 0.79 -15.27
CA PRO B 106 14.78 0.91 -13.88
C PRO B 106 14.64 2.33 -13.35
N GLY B 107 13.41 2.85 -13.39
CA GLY B 107 13.14 4.18 -12.84
C GLY B 107 11.65 4.46 -12.89
N PRO B 108 11.21 5.67 -12.49
CA PRO B 108 9.80 5.97 -12.37
C PRO B 108 9.17 6.08 -13.76
N VAL B 109 7.89 5.75 -13.86
CA VAL B 109 7.15 5.89 -15.14
C VAL B 109 5.87 6.64 -14.83
N THR B 110 5.47 7.55 -15.71
CA THR B 110 4.13 8.19 -15.57
C THR B 110 3.26 7.81 -16.76
N GLY B 111 1.96 7.68 -16.47
CA GLY B 111 0.90 7.33 -17.42
C GLY B 111 1.21 6.07 -18.21
N GLY B 112 2.02 5.14 -17.64
CA GLY B 112 2.46 3.92 -18.34
C GLY B 112 3.13 4.24 -19.65
N ALA B 113 3.65 5.48 -19.84
CA ALA B 113 4.07 5.94 -21.19
C ALA B 113 5.40 6.70 -21.17
N VAL B 114 5.85 7.22 -20.02
CA VAL B 114 7.06 8.11 -19.99
C VAL B 114 7.92 7.66 -18.81
N GLY B 115 9.06 7.07 -19.12
CA GLY B 115 9.95 6.51 -18.08
C GLY B 115 11.20 7.34 -17.91
N GLY B 116 11.55 7.58 -16.64
CA GLY B 116 12.78 8.27 -16.25
C GLY B 116 12.45 9.56 -15.49
N PRO B 117 13.45 10.37 -15.10
CA PRO B 117 14.86 10.11 -15.44
C PRO B 117 15.40 8.92 -14.64
N PHE B 118 16.54 8.41 -15.09
CA PHE B 118 17.21 7.21 -14.55
C PHE B 118 18.53 7.63 -13.94
N ASN B 119 18.95 6.94 -12.88
CA ASN B 119 20.27 7.15 -12.22
C ASN B 119 21.39 6.73 -13.17
N ASN B 120 21.23 5.60 -13.85
CA ASN B 120 22.38 4.90 -14.50
C ASN B 120 22.30 5.03 -16.03
N LEU B 121 21.26 5.68 -16.57
CA LEU B 121 21.05 5.81 -18.03
C LEU B 121 20.64 7.25 -18.37
N LYS B 122 21.04 7.71 -19.55
CA LYS B 122 20.67 9.04 -20.11
C LYS B 122 19.29 8.91 -20.76
N GLY B 123 18.51 9.98 -20.69
CA GLY B 123 17.33 10.19 -21.54
C GLY B 123 16.06 9.69 -20.87
N ILE B 124 14.99 9.70 -21.64
CA ILE B 124 13.61 9.41 -21.19
C ILE B 124 13.08 8.33 -22.14
N ALA B 125 12.40 7.32 -21.58
CA ALA B 125 11.75 6.24 -22.35
C ALA B 125 10.36 6.73 -22.79
N ARG B 126 10.12 6.91 -24.08
CA ARG B 126 8.81 7.47 -24.53
C ARG B 126 8.08 6.46 -25.38
N LEU B 127 7.00 5.92 -24.86
CA LEU B 127 6.16 4.93 -25.58
C LEU B 127 5.68 5.52 -26.91
N SER B 128 5.39 6.82 -26.95
CA SER B 128 4.88 7.51 -28.16
C SER B 128 5.95 7.50 -29.25
N ASP B 129 7.24 7.28 -28.92
CA ASP B 129 8.34 7.21 -29.90
C ASP B 129 8.60 5.75 -30.37
N TYR B 130 7.91 4.77 -29.80
CA TYR B 130 8.17 3.35 -30.13
C TYR B 130 7.33 2.92 -31.33
N PRO B 131 7.86 1.98 -32.14
CA PRO B 131 7.13 1.57 -33.33
C PRO B 131 5.88 0.76 -32.96
N LYS B 132 4.76 1.09 -33.61
CA LYS B 132 3.43 0.49 -33.29
C LYS B 132 3.41 -0.98 -33.67
N ALA B 133 4.33 -1.44 -34.53
CA ALA B 133 4.41 -2.88 -34.90
C ALA B 133 4.77 -3.73 -33.67
N LEU B 134 5.53 -3.17 -32.72
CA LEU B 134 5.93 -3.92 -31.52
C LEU B 134 5.10 -3.43 -30.32
N PHE B 135 4.53 -2.25 -30.45
CA PHE B 135 3.76 -1.64 -29.35
C PHE B 135 2.40 -1.23 -29.91
N PRO B 136 1.48 -2.17 -30.17
CA PRO B 136 0.22 -1.84 -30.79
C PRO B 136 -0.64 -0.92 -29.93
N PRO B 137 -1.48 -0.07 -30.55
CA PRO B 137 -2.23 0.93 -29.82
C PRO B 137 -3.25 0.26 -28.92
N GLY B 138 -3.44 0.81 -27.74
CA GLY B 138 -4.37 0.32 -26.73
C GLY B 138 -3.83 -0.85 -25.94
N ARG B 139 -2.69 -1.40 -26.38
CA ARG B 139 -2.22 -2.70 -25.84
C ARG B 139 -0.76 -2.61 -25.40
N SER B 140 -0.25 -1.42 -25.10
CA SER B 140 1.21 -1.30 -24.82
C SER B 140 1.45 -0.47 -23.57
N ALA B 141 2.54 -0.72 -22.88
CA ALA B 141 2.87 0.07 -21.69
C ALA B 141 4.37 0.03 -21.41
N ILE B 142 4.85 1.03 -20.70
CA ILE B 142 6.16 0.97 -20.00
C ILE B 142 5.88 0.79 -18.51
N LEU B 143 6.58 -0.14 -17.88
CA LEU B 143 6.42 -0.43 -16.43
C LEU B 143 7.68 -0.05 -15.71
N ASN B 144 7.53 0.35 -14.45
CA ASN B 144 8.65 0.39 -13.49
C ASN B 144 9.04 -1.05 -13.17
N ASP B 145 10.32 -1.35 -12.96
CA ASP B 145 10.75 -2.76 -12.74
C ASP B 145 10.05 -3.40 -11.52
N LEU B 146 9.77 -2.64 -10.47
CA LEU B 146 9.09 -3.21 -9.27
C LEU B 146 7.68 -3.66 -9.63
N GLU B 147 7.02 -2.85 -10.43
CA GLU B 147 5.68 -3.17 -10.94
C GLU B 147 5.79 -4.47 -11.75
N ALA B 148 6.72 -4.55 -12.70
CA ALA B 148 6.90 -5.74 -13.54
C ALA B 148 7.13 -6.97 -12.66
N GLY B 149 8.00 -6.87 -11.68
CA GLY B 149 8.28 -7.97 -10.75
C GLY B 149 7.01 -8.48 -10.08
N GLY B 150 6.13 -7.59 -9.63
CA GLY B 150 4.89 -8.02 -8.97
C GLY B 150 3.94 -8.67 -9.96
N PHE B 151 3.86 -8.17 -11.20
CA PHE B 151 3.04 -8.83 -12.23
C PHE B 151 3.60 -10.23 -12.52
N GLY B 152 4.92 -10.39 -12.38
CA GLY B 152 5.57 -11.68 -12.64
C GLY B 152 5.18 -12.71 -11.61
N VAL B 153 5.05 -12.27 -10.35
CA VAL B 153 4.58 -13.19 -9.28
C VAL B 153 3.14 -13.64 -9.62
N LEU B 154 2.30 -12.73 -10.05
CA LEU B 154 0.92 -13.08 -10.50
C LEU B 154 0.99 -14.05 -11.69
N ALA B 155 1.87 -13.82 -12.67
CA ALA B 155 2.03 -14.72 -13.85
C ALA B 155 2.31 -16.14 -13.40
N VAL B 156 3.21 -16.30 -12.44
CA VAL B 156 3.59 -17.65 -11.93
C VAL B 156 2.35 -18.31 -11.35
N SER B 157 1.60 -17.61 -10.53
CA SER B 157 0.37 -18.13 -9.90
C SER B 157 -0.65 -18.55 -10.97
N ASP B 158 -0.86 -17.71 -11.97
CA ASP B 158 -1.83 -17.95 -13.09
C ASP B 158 -1.43 -19.18 -13.91
N ALA B 159 -0.14 -19.50 -14.04
CA ALA B 159 0.35 -20.67 -14.79
C ALA B 159 0.33 -21.93 -13.92
N HIS B 160 -0.19 -21.84 -12.70
CA HIS B 160 -0.44 -23.01 -11.82
C HIS B 160 0.84 -23.57 -11.22
N VAL B 161 1.96 -22.86 -11.27
CA VAL B 161 3.25 -23.45 -10.78
C VAL B 161 3.88 -22.58 -9.71
N PHE B 162 3.08 -21.91 -8.89
CA PHE B 162 3.60 -21.26 -7.67
C PHE B 162 4.44 -22.23 -6.85
N SER B 163 4.07 -23.51 -6.71
CA SER B 163 4.79 -24.42 -5.79
C SER B 163 6.10 -24.91 -6.44
N GLU B 164 6.25 -24.67 -7.73
CA GLU B 164 7.52 -24.92 -8.43
C GLU B 164 8.53 -23.78 -8.18
N TYR B 165 8.09 -22.53 -8.12
CA TYR B 165 9.00 -21.38 -8.10
C TYR B 165 9.19 -20.82 -6.69
N PHE B 166 8.23 -21.05 -5.78
CA PHE B 166 8.23 -20.47 -4.43
C PHE B 166 8.12 -21.59 -3.40
N GLY B 167 8.98 -21.58 -2.39
CA GLY B 167 8.91 -22.50 -1.23
C GLY B 167 8.32 -21.80 -0.02
N VAL B 168 7.51 -22.51 0.75
CA VAL B 168 6.96 -21.97 2.02
C VAL B 168 8.07 -21.99 3.08
N MET B 169 8.34 -20.83 3.67
CA MET B 169 9.26 -20.74 4.82
C MET B 169 8.50 -21.10 6.10
N TRP B 170 7.30 -20.55 6.27
CA TRP B 170 6.34 -20.94 7.31
C TRP B 170 4.96 -20.45 6.89
N GLU B 171 3.98 -21.19 7.34
CA GLU B 171 2.57 -20.88 7.01
C GLU B 171 2.01 -20.11 8.18
N GLY B 172 1.36 -18.99 7.90
CA GLY B 172 0.74 -18.21 8.98
C GLY B 172 -0.70 -18.63 9.22
N THR B 173 -1.35 -18.03 10.23
CA THR B 173 -2.66 -18.48 10.68
C THR B 173 -3.72 -18.12 9.65
N GLN B 174 -3.51 -17.10 8.84
CA GLN B 174 -4.65 -16.60 8.04
C GLN B 174 -4.89 -17.44 6.78
N TRP B 175 -3.86 -18.04 6.20
CA TRP B 175 -3.96 -18.78 4.92
C TRP B 175 -5.16 -19.74 4.90
N ARG B 176 -5.30 -20.60 5.93
CA ARG B 176 -6.29 -21.71 5.90
C ARG B 176 -7.69 -21.11 6.14
N THR B 177 -7.76 -19.88 6.59
CA THR B 177 -9.06 -19.22 6.79
C THR B 177 -9.59 -18.67 5.47
N CYS B 178 -8.81 -18.56 4.43
CA CYS B 178 -9.43 -18.07 3.17
C CYS B 178 -8.99 -18.86 1.95
N GLU B 179 -8.14 -19.86 2.11
CA GLU B 179 -7.77 -20.79 1.04
C GLU B 179 -7.85 -22.24 1.53
N GLN B 180 -8.36 -23.14 0.70
CA GLN B 180 -8.46 -24.59 1.01
C GLN B 180 -7.24 -25.33 0.46
N GLU B 181 -6.58 -24.77 -0.53
CA GLU B 181 -5.40 -25.41 -1.12
C GLU B 181 -4.17 -25.18 -0.24
N PRO B 182 -3.13 -26.00 -0.44
CA PRO B 182 -1.95 -25.90 0.41
C PRO B 182 -1.30 -24.51 0.27
N ALA B 183 -0.65 -24.05 1.33
CA ALA B 183 0.13 -22.79 1.30
C ALA B 183 1.21 -22.94 0.20
N GLY B 184 1.42 -21.87 -0.56
CA GLY B 184 2.41 -21.81 -1.62
C GLY B 184 1.92 -22.39 -2.94
N SER B 185 0.66 -22.79 -3.04
CA SER B 185 0.13 -23.45 -4.28
C SER B 185 -0.36 -22.40 -5.26
N VAL B 186 -0.66 -21.19 -4.79
CA VAL B 186 -1.25 -20.10 -5.57
C VAL B 186 -0.93 -18.83 -4.79
N ILE B 187 -1.01 -17.66 -5.42
CA ILE B 187 -0.75 -16.38 -4.70
C ILE B 187 -1.72 -16.20 -3.52
N GLY B 188 -3.00 -16.57 -3.68
CA GLY B 188 -4.01 -16.45 -2.62
C GLY B 188 -4.84 -15.20 -2.77
N ARG B 189 -6.06 -15.23 -2.25
CA ARG B 189 -7.04 -14.11 -2.38
C ARG B 189 -6.81 -13.17 -1.21
N GLY B 190 -5.68 -12.48 -1.26
CA GLY B 190 -5.18 -11.58 -0.22
C GLY B 190 -4.00 -10.82 -0.67
N ARG B 191 -3.64 -9.80 0.12
CA ARG B 191 -2.50 -8.96 -0.23
C ARG B 191 -1.21 -9.77 -0.15
N CYS B 192 -0.36 -9.58 -1.13
CA CYS B 192 0.96 -10.22 -1.21
C CYS B 192 1.99 -9.09 -1.25
N LEU B 193 2.87 -9.03 -0.25
CA LEU B 193 3.95 -8.07 -0.22
C LEU B 193 5.18 -8.72 -0.84
N VAL B 194 5.64 -8.18 -1.94
CA VAL B 194 6.83 -8.72 -2.65
C VAL B 194 8.03 -7.97 -2.11
N LEU B 195 9.07 -8.67 -1.66
CA LEU B 195 10.34 -8.03 -1.27
C LEU B 195 11.48 -8.62 -2.11
N ALA B 196 12.34 -7.79 -2.69
CA ALA B 196 13.44 -8.22 -3.59
C ALA B 196 14.78 -7.81 -2.94
N PRO B 197 15.29 -8.62 -2.02
CA PRO B 197 16.53 -8.30 -1.30
C PRO B 197 17.68 -8.82 -2.18
N GLY B 198 18.34 -7.90 -2.82
CA GLY B 198 19.40 -8.16 -3.83
C GLY B 198 20.54 -7.22 -3.58
N THR B 199 21.02 -6.53 -4.61
CA THR B 199 22.03 -5.46 -4.38
C THR B 199 21.45 -4.42 -3.41
N GLY B 200 20.21 -4.02 -3.66
CA GLY B 200 19.42 -3.16 -2.77
C GLY B 200 18.26 -3.95 -2.22
N LEU B 201 17.09 -3.32 -2.10
CA LEU B 201 15.87 -3.91 -1.50
C LEU B 201 14.64 -3.30 -2.16
N GLY B 202 14.06 -3.96 -3.14
CA GLY B 202 12.83 -3.54 -3.82
C GLY B 202 11.60 -3.98 -3.04
N SER B 203 10.46 -3.30 -3.22
CA SER B 203 9.22 -3.71 -2.55
C SER B 203 8.04 -3.34 -3.42
N SER B 204 7.06 -4.22 -3.50
CA SER B 204 5.73 -3.78 -4.06
C SER B 204 4.65 -4.52 -3.27
N LEU B 205 3.44 -3.96 -3.19
CA LEU B 205 2.28 -4.63 -2.58
C LEU B 205 1.35 -5.02 -3.72
N ILE B 206 1.11 -6.31 -3.87
CA ILE B 206 0.05 -6.86 -4.74
C ILE B 206 -1.21 -6.81 -3.89
N TYR B 207 -1.85 -5.68 -3.97
CA TYR B 207 -3.12 -5.44 -3.26
C TYR B 207 -4.19 -6.37 -3.83
N TYR B 208 -5.16 -6.79 -3.01
CA TYR B 208 -6.29 -7.67 -3.42
C TYR B 208 -7.55 -6.87 -3.16
N ASN B 209 -8.28 -6.53 -4.22
CA ASN B 209 -9.57 -5.82 -4.08
C ASN B 209 -10.66 -6.87 -3.85
N PRO B 210 -11.21 -6.99 -2.62
CA PRO B 210 -12.19 -8.01 -2.28
C PRO B 210 -13.49 -7.85 -3.09
N MET B 211 -13.77 -6.63 -3.50
CA MET B 211 -15.10 -6.32 -4.11
C MET B 211 -15.13 -6.75 -5.58
N ASN B 212 -13.97 -6.96 -6.19
CA ASN B 212 -13.97 -7.46 -7.59
C ASN B 212 -12.90 -8.56 -7.79
N GLN B 213 -12.30 -9.05 -6.72
CA GLN B 213 -11.34 -10.17 -6.71
C GLN B 213 -10.17 -9.81 -7.63
N GLN B 214 -9.77 -8.54 -7.71
CA GLN B 214 -8.68 -8.07 -8.58
C GLN B 214 -7.39 -7.89 -7.75
N HIS B 215 -6.31 -8.48 -8.22
CA HIS B 215 -4.95 -8.16 -7.71
C HIS B 215 -4.43 -6.91 -8.44
N ILE B 216 -3.94 -5.92 -7.72
CA ILE B 216 -3.42 -4.61 -8.26
C ILE B 216 -1.98 -4.41 -7.75
N VAL B 217 -1.00 -4.20 -8.63
CA VAL B 217 0.42 -4.05 -8.18
C VAL B 217 0.71 -2.60 -7.81
N VAL B 218 1.11 -2.38 -6.59
CA VAL B 218 1.37 -1.03 -5.99
C VAL B 218 2.84 -0.94 -5.58
N PRO B 219 3.73 -0.37 -6.41
CA PRO B 219 5.15 -0.23 -6.05
C PRO B 219 5.35 0.65 -4.82
N LEU B 220 6.26 0.23 -3.96
CA LEU B 220 6.54 0.93 -2.70
C LEU B 220 8.05 1.25 -2.63
N GLU B 221 8.42 1.92 -1.55
CA GLU B 221 9.82 2.23 -1.19
C GLU B 221 10.03 1.88 0.29
N LEU B 222 9.74 0.67 0.71
CA LEU B 222 9.89 0.24 2.12
C LEU B 222 11.36 0.22 2.51
N GLY B 223 12.27 -0.05 1.54
CA GLY B 223 13.71 -0.07 1.85
C GLY B 223 14.22 1.27 2.36
N SER B 224 13.63 2.41 2.00
CA SER B 224 14.11 3.78 2.34
C SER B 224 13.53 4.32 3.68
N GLN B 225 12.72 3.53 4.34
CA GLN B 225 12.19 3.80 5.71
C GLN B 225 13.31 3.73 6.73
N THR B 226 13.29 4.67 7.69
CA THR B 226 14.22 4.68 8.82
C THR B 226 13.97 3.40 9.64
N ILE B 227 15.03 2.71 10.01
CA ILE B 227 14.92 1.46 10.81
C ILE B 227 14.42 1.76 12.21
N PRO B 228 13.27 1.22 12.64
CA PRO B 228 12.87 1.36 14.05
C PRO B 228 13.67 0.36 14.89
N MET B 229 13.91 0.71 16.15
CA MET B 229 14.84 -0.10 16.98
C MET B 229 14.11 -1.34 17.53
N ARG B 230 14.92 -2.28 18.05
CA ARG B 230 14.47 -3.34 18.98
C ARG B 230 15.38 -3.18 20.18
N LYS B 231 16.37 -4.07 20.34
CA LYS B 231 17.37 -3.94 21.43
C LYS B 231 18.74 -3.63 20.81
N ASP B 232 18.77 -2.86 19.75
CA ASP B 232 19.93 -2.76 18.83
C ASP B 232 20.33 -1.31 18.63
N ILE B 233 20.00 -0.41 19.57
N ILE B 233 20.03 -0.39 19.57
CA ILE B 233 20.36 1.02 19.42
CA ILE B 233 20.41 1.04 19.40
C ILE B 233 21.88 1.14 19.13
C ILE B 233 21.90 1.12 19.08
N ASP B 234 22.73 0.36 19.80
CA ASP B 234 24.19 0.51 19.64
C ASP B 234 24.60 0.17 18.21
N TYR B 235 24.01 -0.91 17.69
CA TYR B 235 24.30 -1.46 16.33
C TYR B 235 23.87 -0.46 15.27
N ILE B 236 22.63 0.04 15.38
CA ILE B 236 22.16 1.11 14.46
C ILE B 236 23.10 2.32 14.55
N GLN B 237 23.50 2.77 15.74
CA GLN B 237 24.35 4.00 15.88
C GLN B 237 25.76 3.73 15.31
N THR B 238 26.25 2.49 15.35
CA THR B 238 27.55 2.18 14.73
C THR B 238 27.46 2.46 13.21
N LEU B 239 26.37 2.03 12.59
CA LEU B 239 26.20 2.25 11.11
C LEU B 239 25.93 3.74 10.86
N HIS B 240 25.12 4.37 11.69
CA HIS B 240 24.84 5.82 11.61
C HIS B 240 26.17 6.58 11.50
N ALA B 241 27.16 6.24 12.34
CA ALA B 241 28.44 6.98 12.43
C ALA B 241 29.23 6.75 11.17
N GLU B 242 29.10 5.60 10.53
CA GLU B 242 29.80 5.29 9.26
C GLU B 242 29.11 6.01 8.12
N LEU B 243 27.78 5.99 8.03
CA LEU B 243 27.13 6.56 6.83
C LEU B 243 26.96 8.09 6.92
N LYS B 244 26.94 8.59 8.13
CA LYS B 244 26.55 9.97 8.52
C LYS B 244 25.08 10.19 8.11
N LEU B 245 24.29 9.11 8.11
CA LEU B 245 22.85 9.15 7.87
C LEU B 245 22.18 8.21 8.87
N LEU B 246 20.95 8.54 9.34
CA LEU B 246 20.22 7.50 10.12
C LEU B 246 19.92 6.34 9.20
N PRO B 247 20.30 5.11 9.59
CA PRO B 247 20.10 3.94 8.75
C PRO B 247 18.65 3.67 8.36
N ASN B 248 18.46 3.31 7.10
CA ASN B 248 17.22 2.80 6.53
C ASN B 248 17.35 1.28 6.37
N TYR B 249 16.28 0.60 6.03
CA TYR B 249 16.34 -0.88 5.94
C TYR B 249 17.36 -1.31 4.89
N GLU B 250 17.32 -0.69 3.72
CA GLU B 250 18.25 -1.09 2.64
C GLU B 250 19.71 -1.01 3.15
N ASN B 251 20.04 -0.02 3.94
CA ASN B 251 21.41 0.11 4.54
C ASN B 251 21.79 -1.16 5.28
N MET B 252 20.86 -1.86 5.91
CA MET B 252 21.19 -3.15 6.59
C MET B 252 20.95 -4.35 5.67
N VAL B 253 20.12 -4.22 4.64
CA VAL B 253 19.65 -5.34 3.81
C VAL B 253 20.00 -5.06 2.34
N SER B 254 21.24 -5.30 1.98
CA SER B 254 21.85 -4.84 0.70
C SER B 254 23.22 -5.51 0.69
N GLY B 255 23.90 -5.50 -0.45
CA GLY B 255 25.32 -5.93 -0.45
C GLY B 255 26.20 -5.17 0.55
N ALA B 256 26.09 -3.83 0.53
CA ALA B 256 26.80 -2.95 1.48
C ALA B 256 26.42 -3.39 2.91
N GLY B 257 25.14 -3.71 3.13
CA GLY B 257 24.70 -4.08 4.49
C GLY B 257 25.34 -5.38 4.95
N LEU B 258 25.37 -6.39 4.10
CA LEU B 258 26.01 -7.67 4.44
C LEU B 258 27.51 -7.50 4.73
N GLU B 259 28.21 -6.68 3.92
CA GLU B 259 29.65 -6.34 4.15
C GLU B 259 29.78 -5.67 5.53
N PHE B 260 28.85 -4.76 5.90
CA PHE B 260 28.83 -4.13 7.24
C PHE B 260 28.68 -5.19 8.34
N HIS B 261 27.69 -6.07 8.20
CA HIS B 261 27.44 -7.09 9.24
C HIS B 261 28.70 -7.93 9.44
N TYR B 262 29.36 -8.30 8.35
CA TYR B 262 30.60 -9.14 8.43
C TYR B 262 31.71 -8.37 9.19
N ARG B 263 31.91 -7.10 8.86
CA ARG B 263 32.88 -6.22 9.59
C ARG B 263 32.54 -6.23 11.08
N GLN B 264 31.27 -6.12 11.45
CA GLN B 264 30.94 -6.03 12.87
C GLN B 264 31.11 -7.38 13.55
N VAL B 265 30.83 -8.49 12.87
CA VAL B 265 30.98 -9.85 13.45
C VAL B 265 32.45 -10.11 13.74
N VAL B 266 33.31 -9.84 12.80
CA VAL B 266 34.73 -10.22 13.02
C VAL B 266 35.47 -9.25 13.99
N ARG B 267 34.97 -8.02 14.19
CA ARG B 267 35.62 -7.06 15.13
C ARG B 267 37.12 -6.93 14.76
N GLY B 268 37.45 -6.71 13.50
CA GLY B 268 38.83 -6.48 13.05
C GLY B 268 39.65 -7.75 12.84
N SER B 269 39.18 -8.93 13.28
CA SER B 269 40.01 -10.17 13.31
C SER B 269 40.27 -10.72 11.93
N ARG B 270 39.46 -10.36 10.93
CA ARG B 270 39.62 -10.69 9.49
C ARG B 270 39.45 -9.42 8.66
N PRO B 271 40.13 -9.29 7.51
CA PRO B 271 39.98 -8.13 6.63
C PRO B 271 38.56 -8.17 6.05
N PRO B 272 37.97 -7.05 5.63
CA PRO B 272 36.64 -7.06 5.01
C PRO B 272 36.55 -7.96 3.76
N CYS B 273 35.38 -8.59 3.51
CA CYS B 273 35.15 -9.44 2.31
C CYS B 273 34.00 -8.82 1.52
N SER B 274 33.84 -9.12 0.25
CA SER B 274 32.65 -8.61 -0.51
C SER B 274 31.41 -9.40 -0.12
N ALA B 275 30.20 -8.87 -0.41
CA ALA B 275 28.94 -9.61 -0.22
C ALA B 275 28.96 -11.02 -0.87
N GLY B 276 29.45 -11.18 -2.11
CA GLY B 276 29.57 -12.51 -2.71
C GLY B 276 30.47 -13.47 -1.96
N GLU B 277 31.62 -12.97 -1.52
N GLU B 277 31.61 -13.03 -1.45
CA GLU B 277 32.63 -13.73 -0.73
CA GLU B 277 32.56 -13.91 -0.73
C GLU B 277 31.91 -14.22 0.56
C GLU B 277 31.85 -14.32 0.62
N ILE B 278 31.17 -13.32 1.20
CA ILE B 278 30.53 -13.62 2.51
C ILE B 278 29.54 -14.75 2.29
N ALA B 279 28.71 -14.68 1.24
CA ALA B 279 27.71 -15.73 0.97
C ALA B 279 28.43 -17.06 0.73
N LYS B 280 29.51 -17.04 -0.07
CA LYS B 280 30.30 -18.26 -0.36
C LYS B 280 30.89 -18.84 0.93
N LEU B 281 31.54 -18.03 1.77
CA LEU B 281 32.11 -18.50 3.06
C LEU B 281 31.00 -19.10 3.92
N ALA B 282 29.83 -18.46 3.94
CA ALA B 282 28.70 -18.98 4.77
C ALA B 282 28.32 -20.37 4.25
N SER B 283 28.20 -20.53 2.93
CA SER B 283 27.81 -21.82 2.32
C SER B 283 28.82 -22.90 2.74
N GLU B 284 30.03 -22.52 3.12
CA GLU B 284 31.13 -23.46 3.49
C GLU B 284 31.17 -23.64 5.00
N GLY B 285 30.24 -23.04 5.73
CA GLY B 285 30.10 -23.19 7.19
C GLY B 285 31.02 -22.27 7.99
N ASP B 286 31.51 -21.18 7.40
CA ASP B 286 32.33 -20.19 8.15
C ASP B 286 31.43 -19.53 9.20
N ALA B 287 31.77 -19.69 10.49
CA ALA B 287 30.90 -19.16 11.58
C ALA B 287 30.72 -17.65 11.39
N ASN B 288 31.79 -16.91 11.11
CA ASN B 288 31.65 -15.42 10.97
C ASN B 288 30.68 -15.04 9.81
N ALA B 289 30.86 -15.63 8.63
CA ALA B 289 30.04 -15.29 7.46
C ALA B 289 28.60 -15.70 7.75
N CYS B 290 28.41 -16.83 8.45
CA CYS B 290 27.04 -17.30 8.79
C CYS B 290 26.39 -16.26 9.71
N LYS B 291 27.14 -15.71 10.67
CA LYS B 291 26.55 -14.74 11.62
C LYS B 291 26.22 -13.46 10.86
N ALA B 292 27.02 -13.10 9.86
CA ALA B 292 26.77 -11.91 9.03
C ALA B 292 25.47 -12.11 8.24
N MET B 293 25.25 -13.32 7.71
CA MET B 293 24.01 -13.59 7.00
C MET B 293 22.83 -13.60 7.96
N LYS B 294 23.01 -14.06 9.19
CA LYS B 294 21.91 -14.05 10.18
C LYS B 294 21.51 -12.60 10.44
N LYS B 295 22.48 -11.71 10.57
CA LYS B 295 22.22 -10.27 10.88
C LYS B 295 21.49 -9.62 9.69
N TYR B 296 21.91 -9.93 8.46
CA TYR B 296 21.22 -9.42 7.25
C TYR B 296 19.73 -9.82 7.33
N HIS B 297 19.47 -11.10 7.67
CA HIS B 297 18.08 -11.67 7.62
C HIS B 297 17.30 -11.15 8.81
N GLU B 298 17.95 -10.78 9.88
CA GLU B 298 17.31 -10.18 11.07
C GLU B 298 16.70 -8.83 10.69
N TYR B 299 17.38 -8.02 9.88
CA TYR B 299 16.83 -6.71 9.45
C TYR B 299 15.79 -6.92 8.36
N LEU B 300 16.00 -7.89 7.47
CA LEU B 300 14.96 -8.25 6.47
C LEU B 300 13.66 -8.65 7.17
N MET B 301 13.73 -9.39 8.28
CA MET B 301 12.49 -9.77 8.99
C MET B 301 11.91 -8.59 9.72
N ARG B 302 12.73 -7.60 10.04
CA ARG B 302 12.19 -6.39 10.66
C ARG B 302 11.32 -5.67 9.63
N VAL B 303 11.79 -5.57 8.39
CA VAL B 303 10.92 -4.98 7.32
C VAL B 303 9.58 -5.71 7.27
N GLY B 304 9.66 -7.03 7.30
CA GLY B 304 8.52 -7.94 7.30
C GLY B 304 7.61 -7.75 8.50
N SER B 305 8.14 -7.64 9.72
CA SER B 305 7.29 -7.55 10.92
C SER B 305 6.53 -6.21 10.87
N GLU B 306 7.22 -5.16 10.51
CA GLU B 306 6.61 -3.79 10.49
C GLU B 306 5.58 -3.69 9.37
N ALA B 307 5.92 -4.21 8.21
CA ALA B 307 4.98 -4.18 7.04
C ALA B 307 3.81 -5.13 7.26
N SER B 308 4.04 -6.27 7.94
CA SER B 308 2.96 -7.22 8.32
C SER B 308 1.90 -6.45 9.10
N MET B 309 2.32 -5.49 9.93
CA MET B 309 1.34 -4.67 10.71
C MET B 309 0.75 -3.62 9.76
N ALA B 310 1.56 -2.82 9.10
CA ALA B 310 1.08 -1.62 8.38
C ALA B 310 0.19 -2.02 7.20
N LEU B 311 0.56 -3.07 6.48
CA LEU B 311 -0.11 -3.44 5.21
C LEU B 311 -1.02 -4.67 5.30
N LEU B 312 -1.08 -5.39 6.43
CA LEU B 312 -1.89 -6.60 6.68
C LEU B 312 -1.89 -7.55 5.50
N PRO B 313 -0.70 -8.03 5.09
CA PRO B 313 -0.64 -8.98 3.98
C PRO B 313 -1.07 -10.40 4.36
N LEU B 314 -1.60 -11.13 3.40
CA LEU B 314 -1.81 -12.57 3.53
C LEU B 314 -0.44 -13.26 3.48
N THR B 315 0.38 -12.82 2.57
CA THR B 315 1.70 -13.47 2.26
C THR B 315 2.76 -12.38 2.10
N ILE B 316 4.00 -12.78 2.34
CA ILE B 316 5.23 -12.06 2.00
C ILE B 316 6.07 -13.03 1.20
N VAL B 317 6.50 -12.60 0.02
CA VAL B 317 7.30 -13.42 -0.90
C VAL B 317 8.64 -12.71 -1.12
N LEU B 318 9.78 -13.41 -0.87
CA LEU B 318 11.13 -12.95 -1.16
C LEU B 318 11.55 -13.40 -2.55
N VAL B 319 11.82 -12.45 -3.42
CA VAL B 319 12.09 -12.76 -4.85
C VAL B 319 13.49 -12.34 -5.23
N GLY B 320 13.95 -12.95 -6.34
CA GLY B 320 15.13 -12.54 -7.10
C GLY B 320 16.28 -13.54 -7.11
N ASP B 321 17.22 -13.34 -8.02
CA ASP B 321 18.36 -14.27 -8.22
C ASP B 321 19.13 -14.45 -6.90
N ASN B 322 19.25 -13.37 -6.12
CA ASN B 322 20.02 -13.35 -4.86
C ASN B 322 19.38 -14.35 -3.89
N ILE B 323 18.04 -14.37 -3.83
CA ILE B 323 17.30 -15.29 -2.93
C ILE B 323 17.50 -16.73 -3.42
N VAL B 324 17.34 -16.96 -4.72
CA VAL B 324 17.48 -18.32 -5.27
C VAL B 324 18.92 -18.80 -5.04
N ASN B 325 19.90 -17.94 -5.27
CA ASN B 325 21.33 -18.33 -5.17
C ASN B 325 21.67 -18.63 -3.69
N ASN B 326 20.95 -18.03 -2.73
CA ASN B 326 21.25 -18.22 -1.29
C ASN B 326 20.37 -19.30 -0.69
N ALA B 327 19.82 -20.21 -1.52
CA ALA B 327 19.02 -21.36 -1.07
C ALA B 327 19.55 -22.03 0.19
N PHE B 328 20.86 -22.19 0.34
CA PHE B 328 21.44 -22.96 1.45
C PHE B 328 20.99 -22.31 2.75
N PHE B 329 20.88 -20.99 2.75
CA PHE B 329 20.56 -20.26 4.00
C PHE B 329 19.14 -20.63 4.47
N TYR B 330 18.21 -20.69 3.53
CA TYR B 330 16.77 -20.89 3.85
C TYR B 330 16.46 -22.38 4.07
N ARG B 331 17.30 -23.25 3.53
CA ARG B 331 17.21 -24.71 3.78
C ARG B 331 17.59 -25.06 5.23
N ASN B 332 18.43 -24.24 5.86
CA ASN B 332 18.93 -24.55 7.22
C ASN B 332 17.81 -24.22 8.23
N PRO B 333 17.29 -25.20 8.99
CA PRO B 333 16.15 -24.98 9.88
C PRO B 333 16.46 -23.98 11.01
N GLN B 334 17.68 -24.07 11.55
N GLN B 334 17.67 -24.07 11.56
CA GLN B 334 18.16 -23.12 12.60
CA GLN B 334 18.13 -23.11 12.60
C GLN B 334 18.05 -21.68 12.07
C GLN B 334 18.04 -21.67 12.07
N ASN B 335 18.40 -21.47 10.80
CA ASN B 335 18.31 -20.10 10.22
C ASN B 335 16.84 -19.75 10.04
N LEU B 336 16.03 -20.69 9.56
CA LEU B 336 14.59 -20.46 9.34
C LEU B 336 13.88 -20.16 10.67
N LYS B 337 14.23 -20.88 11.73
CA LYS B 337 13.58 -20.63 13.05
C LYS B 337 13.97 -19.26 13.59
N GLU B 338 15.23 -18.84 13.41
CA GLU B 338 15.71 -17.51 13.85
C GLU B 338 15.05 -16.41 13.01
N MET B 339 14.83 -16.63 11.70
CA MET B 339 14.07 -15.66 10.89
C MET B 339 12.59 -15.56 11.35
N HIS B 340 11.97 -16.69 11.66
CA HIS B 340 10.56 -16.74 12.13
C HIS B 340 10.48 -15.93 13.43
N ARG B 341 11.43 -16.11 14.32
CA ARG B 341 11.35 -15.42 15.62
C ARG B 341 11.40 -13.91 15.41
N GLU B 342 12.29 -13.45 14.54
CA GLU B 342 12.40 -11.99 14.26
C GLU B 342 11.11 -11.52 13.57
N ALA B 343 10.53 -12.34 12.70
CA ALA B 343 9.29 -11.92 11.99
C ALA B 343 8.19 -11.69 12.99
N LEU B 344 8.25 -12.34 14.13
CA LEU B 344 7.19 -12.23 15.17
C LEU B 344 7.62 -11.23 16.23
N ASN B 345 8.80 -10.64 16.13
CA ASN B 345 9.35 -9.72 17.17
C ASN B 345 8.75 -8.31 16.95
N HIS B 346 7.50 -8.17 17.35
CA HIS B 346 6.73 -6.92 17.18
C HIS B 346 5.74 -6.84 18.34
N GLU B 347 5.55 -5.66 18.91
CA GLU B 347 4.68 -5.55 20.11
C GLU B 347 3.28 -6.03 19.71
N MET B 348 2.87 -5.88 18.44
CA MET B 348 1.49 -6.18 18.04
C MET B 348 1.31 -7.70 17.86
N GLU B 349 2.38 -8.48 17.95
CA GLU B 349 2.25 -9.95 17.92
C GLU B 349 1.55 -10.48 19.20
N ARG B 350 1.46 -9.70 20.26
CA ARG B 350 0.57 -10.06 21.40
C ARG B 350 -0.89 -10.23 20.93
N PHE B 351 -1.27 -9.66 19.78
CA PHE B 351 -2.62 -9.82 19.19
C PHE B 351 -2.60 -10.77 17.99
N GLY B 352 -1.45 -11.33 17.65
CA GLY B 352 -1.34 -12.32 16.58
C GLY B 352 -1.10 -11.74 15.21
N PHE B 353 -0.90 -10.44 15.04
CA PHE B 353 -0.80 -9.85 13.67
C PHE B 353 0.35 -10.50 12.88
N GLN B 354 1.53 -10.60 13.44
CA GLN B 354 2.69 -11.11 12.65
C GLN B 354 2.49 -12.61 12.32
N SER B 355 1.87 -13.41 13.21
CA SER B 355 1.62 -14.88 13.06
C SER B 355 0.58 -15.12 11.95
N ARG B 356 -0.14 -14.07 11.52
CA ARG B 356 -1.14 -14.23 10.43
C ARG B 356 -0.45 -14.62 9.11
N VAL B 357 0.77 -14.15 8.91
CA VAL B 357 1.34 -13.94 7.57
C VAL B 357 2.07 -15.19 7.12
N THR B 358 1.87 -15.68 5.89
CA THR B 358 2.69 -16.79 5.33
C THR B 358 3.88 -16.18 4.63
N TYR B 359 5.10 -16.68 4.90
CA TYR B 359 6.31 -16.24 4.21
C TYR B 359 6.75 -17.30 3.20
N LEU B 360 7.13 -16.85 2.01
CA LEU B 360 7.65 -17.72 0.92
C LEU B 360 8.89 -17.13 0.33
N ARG B 361 9.72 -18.00 -0.26
CA ARG B 361 10.99 -17.57 -0.87
C ARG B 361 11.07 -18.20 -2.26
N GLN B 362 11.55 -17.43 -3.21
CA GLN B 362 11.79 -17.97 -4.56
C GLN B 362 12.86 -19.05 -4.49
N LYS B 363 12.63 -20.20 -5.14
CA LYS B 363 13.55 -21.38 -4.99
C LYS B 363 13.96 -21.87 -6.36
N LYS B 364 13.52 -21.18 -7.41
CA LYS B 364 13.94 -21.52 -8.78
C LYS B 364 14.07 -20.21 -9.56
N LEU B 365 15.18 -20.08 -10.28
CA LEU B 365 15.46 -18.92 -11.15
C LEU B 365 14.32 -18.71 -12.14
N LEU B 366 13.94 -17.44 -12.28
CA LEU B 366 12.92 -17.03 -13.27
C LEU B 366 12.95 -15.51 -13.37
N ASN B 367 13.04 -15.03 -14.61
CA ASN B 367 12.94 -13.59 -14.86
C ASN B 367 11.50 -13.13 -14.63
N LEU B 368 11.19 -12.73 -13.40
CA LEU B 368 9.84 -12.26 -13.08
C LEU B 368 9.50 -11.00 -13.86
N ASN B 369 10.47 -10.17 -14.21
CA ASN B 369 10.16 -8.90 -14.89
C ASN B 369 9.58 -9.22 -16.28
N LEU B 370 10.19 -10.15 -17.00
CA LEU B 370 9.72 -10.50 -18.39
C LEU B 370 8.34 -11.11 -18.28
N MET B 371 8.14 -12.02 -17.32
CA MET B 371 6.79 -12.62 -17.07
C MET B 371 5.79 -11.53 -16.71
N GLY B 372 6.17 -10.53 -15.92
CA GLY B 372 5.29 -9.42 -15.54
C GLY B 372 4.94 -8.55 -16.72
N CYS B 373 5.86 -8.30 -17.63
CA CYS B 373 5.52 -7.57 -18.89
C CYS B 373 4.40 -8.32 -19.61
N TYR B 374 4.50 -9.64 -19.71
CA TYR B 374 3.49 -10.47 -20.38
C TYR B 374 2.15 -10.36 -19.66
N ARG B 375 2.19 -10.57 -18.34
CA ARG B 375 0.98 -10.64 -17.49
C ARG B 375 0.31 -9.26 -17.48
N CYS B 376 1.11 -8.20 -17.45
CA CYS B 376 0.56 -6.82 -17.55
C CYS B 376 -0.12 -6.66 -18.91
N GLY B 377 0.47 -7.17 -19.98
CA GLY B 377 -0.14 -7.07 -21.32
C GLY B 377 -1.50 -7.74 -21.35
N LEU B 378 -1.71 -8.77 -20.52
CA LEU B 378 -3.03 -9.46 -20.44
C LEU B 378 -4.07 -8.55 -19.77
N ASP B 379 -3.64 -7.61 -18.94
CA ASP B 379 -4.58 -6.71 -18.22
C ASP B 379 -4.87 -5.48 -19.08
N LEU B 380 -4.16 -5.36 -20.21
CA LEU B 380 -4.36 -4.17 -21.09
C LEU B 380 -5.49 -4.48 -22.07
CAC FLC C . -37.66 7.19 15.08
CA FLC C . -37.04 7.77 16.33
CB FLC C . -35.53 7.99 16.32
CBC FLC C . -35.15 9.02 15.21
CG FLC C . -35.16 8.57 17.69
CGC FLC C . -33.74 9.06 17.83
OA1 FLC C . -36.93 7.03 14.10
OA2 FLC C . -38.84 6.90 15.11
OB1 FLC C . -34.28 8.69 14.42
OB2 FLC C . -35.74 10.11 15.22
OG1 FLC C . -32.85 8.28 17.55
OG2 FLC C . -33.55 10.20 18.22
OHB FLC C . -34.84 6.78 16.13
NA NA D . -34.73 6.28 13.78
S SO4 E . -12.97 8.64 8.96
O1 SO4 E . -13.59 7.36 9.04
O2 SO4 E . -11.91 8.57 8.04
O3 SO4 E . -13.93 9.60 8.56
O4 SO4 E . -12.46 9.01 10.23
S SO4 F . 24.06 -9.28 -17.89
O1 SO4 F . 24.35 -9.49 -19.29
O2 SO4 F . 24.79 -10.25 -17.09
O3 SO4 F . 22.65 -9.44 -17.66
O4 SO4 F . 24.46 -7.95 -17.51
#